data_3MDB
#
_entry.id   3MDB
#
_cell.length_a   115.797
_cell.length_b   115.797
_cell.length_c   189.269
_cell.angle_alpha   90.000
_cell.angle_beta   90.000
_cell.angle_gamma   90.000
#
_symmetry.space_group_name_H-M   'P 41 21 2'
#
loop_
_entity.id
_entity.type
_entity.pdbx_description
1 polymer 'Kinesin-like protein KIF13B'
2 polymer 'Arf-GAP with dual PH domain-containing protein 1'
3 non-polymer 'UNKNOWN ATOM OR ION'
4 non-polymer 'ZINC ION'
5 non-polymer '(2R)-3-{[(R)-{[(1S,2S,3R,4S,5S,6S)-2,6-dihydroxy-3,4,5-tris(phosphonooxy)cyclohexyl]oxy}(hydroxy)phosphoryl]oxy}propane -1,2-diyl dioctanoate'
#
loop_
_entity_poly.entity_id
_entity_poly.type
_entity_poly.pdbx_seq_one_letter_code
_entity_poly.pdbx_strand_id
1 'polypeptide(L)'
;MHHHHHHSSGRENLYFQGGIKVGDDKCFLVNLNADPALNELLVYYLKEHTLIGSANSQDIQLCGMGILPEHCIIDITSEG
QVMLTPQKNTRTFVNGSSVSSPIQLHHGDRILWGNNHFFRLNLP
;
A,B
2 'polypeptide(L)'
;MHHHHHHSSGRENLYFQGMAKERRRAVLELLQRPGNARCADCGAPDPDWASYTLGVFICLSCSGIHRNIPQVSKVKSVRL
DAWEEAQVEFMASHGNDAARARFESKVPSFYYRPTPSDCQLLREQWIRAKYERQEFIYPEKQEPYSAGYREGFLWKRGRD
NGQFLSRKFVLTEREGALKYFNRNDAKEPKAVMKIEHLNATFQPAKIGHPHGLQVTYLKDNSTRNIFIYHEDGKEIVDWF
NALRAARFHYLQVAFPGASDADLVPKLSRNYLKEGYMEKTGPKQTEGFRKRWFTMDDRRLMYFKDPLDAFARGEVFIGSK
ESGYTVLHGFPPSTQGHHWPHGITIVTPDRKFLFACETESDQREWVAAFQKAVDRPMLPQEYAVEAHFKHKP
;
C,D
#
# COMPACT_ATOMS: atom_id res chain seq x y z
N CYS A 27 -0.33 13.10 -40.47
CA CYS A 27 -0.79 12.92 -39.05
C CYS A 27 -0.52 11.52 -38.50
N PHE A 28 0.45 11.45 -37.59
CA PHE A 28 0.94 10.18 -37.06
C PHE A 28 1.32 10.34 -35.58
N LEU A 29 1.34 9.21 -34.87
CA LEU A 29 1.77 9.13 -33.48
C LEU A 29 3.08 8.35 -33.39
N VAL A 30 4.05 8.89 -32.65
CA VAL A 30 5.29 8.15 -32.30
C VAL A 30 5.17 7.50 -30.92
N ASN A 31 5.60 6.25 -30.81
CA ASN A 31 5.69 5.55 -29.53
C ASN A 31 6.95 5.96 -28.77
N LEU A 32 6.80 6.79 -27.75
CA LEU A 32 7.96 7.35 -27.05
C LEU A 32 8.83 6.31 -26.31
N ASN A 33 8.31 5.07 -26.17
CA ASN A 33 9.03 3.99 -25.47
C ASN A 33 9.68 2.95 -26.39
N ALA A 34 9.70 3.25 -27.69
CA ALA A 34 10.30 2.36 -28.67
C ALA A 34 11.77 2.72 -28.81
N ASP A 35 12.60 1.69 -28.80
CA ASP A 35 14.06 1.82 -28.87
C ASP A 35 14.48 1.78 -30.34
N PRO A 36 15.03 2.90 -30.86
CA PRO A 36 15.39 2.94 -32.27
C PRO A 36 16.40 1.87 -32.66
N ALA A 37 17.25 1.43 -31.71
CA ALA A 37 18.26 0.38 -31.94
C ALA A 37 17.66 -1.03 -31.85
N LEU A 38 16.33 -1.12 -31.73
CA LEU A 38 15.67 -2.41 -31.64
C LEU A 38 14.60 -2.55 -32.72
N ASN A 39 14.11 -3.78 -32.90
CA ASN A 39 13.05 -4.07 -33.89
C ASN A 39 11.68 -3.61 -33.41
N GLU A 40 11.64 -2.41 -32.84
CA GLU A 40 10.44 -1.86 -32.25
C GLU A 40 9.79 -0.88 -33.21
N LEU A 41 8.51 -1.13 -33.48
CA LEU A 41 7.67 -0.26 -34.28
C LEU A 41 7.57 1.15 -33.67
N LEU A 42 7.95 2.15 -34.46
CA LEU A 42 8.16 3.50 -33.92
C LEU A 42 7.09 4.50 -34.28
N VAL A 43 6.34 4.26 -35.36
CA VAL A 43 5.32 5.20 -35.85
C VAL A 43 4.01 4.50 -36.16
N TYR A 44 2.92 5.09 -35.66
CA TYR A 44 1.56 4.65 -35.98
C TYR A 44 0.87 5.84 -36.68
N TYR A 45 0.23 5.56 -37.82
CA TYR A 45 -0.49 6.58 -38.62
C TYR A 45 -1.94 6.63 -38.19
N LEU A 46 -2.52 7.82 -38.28
CA LEU A 46 -3.90 8.07 -37.88
C LEU A 46 -4.81 8.14 -39.10
N LYS A 47 -5.95 7.45 -39.06
CA LYS A 47 -7.04 7.63 -40.05
C LYS A 47 -7.92 8.84 -39.63
N GLU A 48 -8.83 9.30 -40.50
CA GLU A 48 -9.65 10.51 -40.21
C GLU A 48 -10.59 10.28 -39.03
N HIS A 49 -10.96 9.02 -38.83
CA HIS A 49 -11.65 8.59 -37.63
C HIS A 49 -10.93 7.33 -37.16
N THR A 50 -9.98 7.52 -36.23
CA THR A 50 -9.11 6.43 -35.77
C THR A 50 -9.58 5.78 -34.50
N LEU A 51 -9.78 4.46 -34.55
CA LEU A 51 -10.12 3.66 -33.38
C LEU A 51 -8.86 3.05 -32.76
N ILE A 52 -8.67 3.29 -31.46
CA ILE A 52 -7.53 2.78 -30.71
C ILE A 52 -8.02 1.91 -29.57
N GLY A 53 -7.38 0.75 -29.40
CA GLY A 53 -7.72 -0.20 -28.34
C GLY A 53 -7.10 -1.56 -28.62
N SER A 54 -7.54 -2.58 -27.89
CA SER A 54 -6.98 -3.92 -28.05
C SER A 54 -7.77 -4.82 -29.02
N ALA A 55 -9.05 -4.50 -29.24
CA ALA A 55 -9.90 -5.31 -30.12
C ALA A 55 -9.38 -5.30 -31.57
N ASN A 56 -9.37 -6.47 -32.21
CA ASN A 56 -8.90 -6.57 -33.60
C ASN A 56 -9.50 -5.49 -34.51
N SER A 57 -10.74 -5.09 -34.21
CA SER A 57 -11.40 -4.00 -34.94
C SER A 57 -10.58 -2.71 -34.96
N GLN A 58 -10.00 -2.34 -33.81
CA GLN A 58 -9.34 -1.03 -33.66
C GLN A 58 -8.31 -0.78 -34.74
N ASP A 59 -8.22 0.45 -35.21
CA ASP A 59 -7.34 0.80 -36.32
C ASP A 59 -5.90 1.02 -35.88
N ILE A 60 -5.69 1.11 -34.58
CA ILE A 60 -4.37 1.00 -33.97
C ILE A 60 -4.46 0.04 -32.78
N GLN A 61 -3.98 -1.18 -32.95
CA GLN A 61 -4.15 -2.23 -31.95
C GLN A 61 -3.00 -2.27 -30.96
N LEU A 62 -3.30 -1.92 -29.71
CA LEU A 62 -2.34 -1.87 -28.62
C LEU A 62 -2.74 -2.85 -27.53
N CYS A 63 -1.75 -3.60 -27.04
CA CYS A 63 -1.95 -4.55 -25.96
C CYS A 63 -1.08 -4.12 -24.79
N GLY A 64 -1.64 -4.20 -23.59
CA GLY A 64 -0.93 -3.74 -22.40
C GLY A 64 -1.78 -3.72 -21.16
N MET A 65 -1.19 -3.31 -20.05
CA MET A 65 -1.91 -3.23 -18.79
C MET A 65 -2.88 -2.06 -18.84
N GLY A 66 -4.16 -2.36 -18.68
CA GLY A 66 -5.19 -1.33 -18.60
C GLY A 66 -5.52 -0.66 -19.92
N ILE A 67 -5.71 -1.49 -20.95
CA ILE A 67 -6.12 -1.02 -22.25
C ILE A 67 -7.31 -1.86 -22.62
N LEU A 68 -8.45 -1.22 -22.80
CA LEU A 68 -9.70 -1.92 -23.11
C LEU A 68 -9.77 -2.29 -24.60
N PRO A 69 -10.61 -3.26 -24.95
CA PRO A 69 -10.87 -3.57 -26.36
C PRO A 69 -11.13 -2.33 -27.21
N GLU A 70 -11.88 -1.37 -26.66
CA GLU A 70 -12.07 -0.05 -27.26
C GLU A 70 -11.67 0.99 -26.22
N HIS A 71 -10.53 1.63 -26.44
CA HIS A 71 -9.91 2.47 -25.42
C HIS A 71 -10.02 3.95 -25.72
N CYS A 72 -9.89 4.32 -26.99
CA CYS A 72 -9.89 5.73 -27.35
C CYS A 72 -10.42 5.96 -28.74
N ILE A 73 -10.58 7.23 -29.08
CA ILE A 73 -10.93 7.64 -30.45
C ILE A 73 -10.31 9.01 -30.76
N ILE A 74 -9.48 9.07 -31.81
CA ILE A 74 -8.97 10.35 -32.33
C ILE A 74 -9.62 10.63 -33.68
N ASP A 75 -9.98 11.89 -33.89
CA ASP A 75 -10.74 12.31 -35.07
C ASP A 75 -10.09 13.53 -35.73
N ILE A 76 -9.93 13.47 -37.05
CA ILE A 76 -9.40 14.63 -37.80
C ILE A 76 -10.60 15.39 -38.44
N THR A 77 -10.80 16.63 -38.01
CA THR A 77 -11.97 17.41 -38.40
C THR A 77 -11.78 17.98 -39.80
N SER A 78 -12.91 18.21 -40.47
CA SER A 78 -12.94 18.91 -41.77
C SER A 78 -12.48 20.35 -41.58
N GLU A 79 -12.84 20.94 -40.43
CA GLU A 79 -12.32 22.25 -40.02
C GLU A 79 -10.79 22.24 -39.77
N GLY A 80 -10.20 21.04 -39.67
CA GLY A 80 -8.72 20.88 -39.65
C GLY A 80 -8.08 20.47 -38.33
N GLN A 81 -8.89 20.35 -37.27
CA GLN A 81 -8.36 20.18 -35.91
C GLN A 81 -8.31 18.70 -35.52
N VAL A 82 -7.44 18.37 -34.56
CA VAL A 82 -7.33 16.99 -34.02
C VAL A 82 -7.99 16.92 -32.65
N MET A 83 -8.94 15.99 -32.49
CA MET A 83 -9.70 15.84 -31.25
C MET A 83 -9.67 14.41 -30.73
N LEU A 84 -9.34 14.27 -29.45
CA LEU A 84 -9.25 12.97 -28.76
C LEU A 84 -10.52 12.76 -27.91
N THR A 85 -11.07 11.56 -27.98
CA THR A 85 -12.24 11.22 -27.18
C THR A 85 -12.00 9.93 -26.41
N PRO A 86 -11.83 10.05 -25.08
CA PRO A 86 -11.59 8.86 -24.25
C PRO A 86 -12.86 8.09 -24.08
N GLN A 87 -12.74 6.77 -24.03
CA GLN A 87 -13.87 5.93 -23.68
C GLN A 87 -14.00 5.98 -22.15
N LYS A 88 -15.19 5.67 -21.64
CA LYS A 88 -15.42 5.74 -20.19
C LYS A 88 -14.61 4.70 -19.42
N ASN A 89 -14.24 5.06 -18.18
CA ASN A 89 -13.50 4.19 -17.26
C ASN A 89 -12.11 3.84 -17.75
N THR A 90 -11.48 4.79 -18.46
CA THR A 90 -10.14 4.57 -19.02
C THR A 90 -9.16 5.57 -18.44
N ARG A 91 -7.99 5.05 -18.08
CA ARG A 91 -6.88 5.85 -17.64
C ARG A 91 -6.31 6.53 -18.87
N THR A 92 -6.43 7.86 -18.92
CA THR A 92 -6.02 8.62 -20.10
C THR A 92 -5.51 9.99 -19.68
N PHE A 93 -4.30 10.32 -20.12
CA PHE A 93 -3.66 11.60 -19.81
C PHE A 93 -3.14 12.25 -21.10
N VAL A 94 -3.13 13.57 -21.13
CA VAL A 94 -2.68 14.36 -22.28
C VAL A 94 -1.86 15.52 -21.70
N ASN A 95 -0.62 15.67 -22.17
CA ASN A 95 0.35 16.55 -21.52
C ASN A 95 0.28 16.42 -19.99
N GLY A 96 0.24 15.19 -19.51
CA GLY A 96 0.39 14.92 -18.09
C GLY A 96 -0.85 15.05 -17.23
N SER A 97 -1.93 15.62 -17.75
CA SER A 97 -3.20 15.74 -17.00
C SER A 97 -4.24 14.78 -17.50
N SER A 98 -5.11 14.33 -16.62
CA SER A 98 -6.09 13.33 -16.99
C SER A 98 -7.17 14.02 -17.81
N VAL A 99 -7.83 13.24 -18.66
CA VAL A 99 -8.89 13.74 -19.50
C VAL A 99 -9.99 12.69 -19.54
N SER A 100 -11.23 13.14 -19.34
CA SER A 100 -12.40 12.27 -19.36
C SER A 100 -13.50 12.82 -20.29
N SER A 101 -13.24 13.95 -20.92
CA SER A 101 -14.11 14.51 -21.93
C SER A 101 -13.28 14.67 -23.21
N PRO A 102 -13.90 15.13 -24.30
CA PRO A 102 -13.08 15.38 -25.47
C PRO A 102 -12.10 16.52 -25.27
N ILE A 103 -10.98 16.46 -25.99
CA ILE A 103 -9.93 17.46 -25.87
C ILE A 103 -9.20 17.60 -27.20
N GLN A 104 -8.95 18.85 -27.60
CA GLN A 104 -8.25 19.15 -28.84
C GLN A 104 -6.78 18.88 -28.62
N LEU A 105 -6.16 18.23 -29.61
CA LEU A 105 -4.72 17.98 -29.60
C LEU A 105 -4.03 18.99 -30.51
N HIS A 106 -2.81 19.36 -30.13
CA HIS A 106 -1.93 20.21 -30.91
C HIS A 106 -0.72 19.40 -31.33
N HIS A 107 0.06 19.93 -32.27
CA HIS A 107 1.32 19.30 -32.65
C HIS A 107 2.21 19.22 -31.41
N GLY A 108 2.80 18.06 -31.17
CA GLY A 108 3.75 17.90 -30.09
C GLY A 108 3.20 17.42 -28.75
N ASP A 109 1.88 17.45 -28.58
CA ASP A 109 1.25 16.99 -27.34
C ASP A 109 1.64 15.53 -27.02
N ARG A 110 1.60 15.17 -25.73
CA ARG A 110 1.99 13.84 -25.27
C ARG A 110 0.76 13.14 -24.72
N ILE A 111 0.60 11.86 -25.02
CA ILE A 111 -0.60 11.09 -24.68
C ILE A 111 -0.22 9.84 -23.91
N LEU A 112 -0.91 9.54 -22.81
CA LEU A 112 -0.71 8.27 -22.11
C LEU A 112 -2.02 7.50 -21.97
N TRP A 113 -1.97 6.22 -22.29
CA TRP A 113 -3.11 5.36 -22.19
C TRP A 113 -2.71 4.15 -21.37
N GLY A 114 -3.49 3.84 -20.33
CA GLY A 114 -3.20 2.69 -19.50
C GLY A 114 -1.91 2.86 -18.74
N ASN A 115 -1.22 1.75 -18.50
CA ASN A 115 -0.02 1.79 -17.70
C ASN A 115 1.13 2.55 -18.40
N ASN A 116 1.48 2.15 -19.62
CA ASN A 116 2.67 2.71 -20.27
C ASN A 116 2.61 2.79 -21.81
N HIS A 117 1.42 3.05 -22.36
CA HIS A 117 1.30 3.32 -23.77
C HIS A 117 1.40 4.80 -23.96
N PHE A 118 2.63 5.22 -24.16
CA PHE A 118 3.01 6.62 -24.09
C PHE A 118 3.37 7.07 -25.50
N PHE A 119 2.61 8.02 -26.05
CA PHE A 119 2.82 8.50 -27.44
C PHE A 119 2.92 10.00 -27.58
N ARG A 120 3.64 10.44 -28.61
CA ARG A 120 3.70 11.85 -28.99
C ARG A 120 2.85 11.99 -30.25
N LEU A 121 2.43 13.22 -30.55
CA LEU A 121 1.66 13.51 -31.76
C LEU A 121 2.42 14.52 -32.62
N ASN A 122 2.54 14.20 -33.91
CA ASN A 122 2.97 15.15 -34.90
C ASN A 122 1.83 15.41 -35.91
N LEU A 123 1.58 16.69 -36.19
CA LEU A 123 0.63 17.14 -37.23
C LEU A 123 1.37 17.78 -38.43
N PRO A 124 0.83 17.60 -39.67
CA PRO A 124 1.51 18.18 -40.84
C PRO A 124 1.51 19.72 -40.83
N CYS B 27 -18.22 -10.75 36.45
CA CYS B 27 -18.53 -10.68 34.97
C CYS B 27 -17.85 -9.46 34.30
N PHE B 28 -16.73 -9.68 33.61
CA PHE B 28 -15.89 -8.56 33.15
C PHE B 28 -15.20 -8.79 31.79
N LEU B 29 -14.80 -7.67 31.16
CA LEU B 29 -13.82 -7.68 30.07
C LEU B 29 -12.46 -7.27 30.65
N VAL B 30 -11.39 -7.94 30.23
CA VAL B 30 -10.05 -7.57 30.66
C VAL B 30 -9.29 -6.91 29.51
N ASN B 31 -8.69 -5.75 29.75
CA ASN B 31 -7.92 -5.07 28.70
C ASN B 31 -6.60 -5.79 28.51
N LEU B 32 -6.50 -6.50 27.38
CA LEU B 32 -5.33 -7.32 27.06
C LEU B 32 -4.07 -6.48 26.76
N ASN B 33 -4.24 -5.19 26.50
CA ASN B 33 -3.09 -4.31 26.25
C ASN B 33 -2.66 -3.54 27.49
N ALA B 34 -3.52 -3.46 28.50
CA ALA B 34 -3.19 -2.80 29.78
C ALA B 34 -1.90 -3.35 30.44
N ASP B 35 -0.89 -2.48 30.60
CA ASP B 35 0.42 -2.87 31.16
C ASP B 35 0.45 -2.86 32.70
N PRO B 36 0.58 -4.03 33.34
CA PRO B 36 0.54 -4.08 34.82
C PRO B 36 1.62 -3.25 35.53
N ALA B 37 2.81 -3.16 34.93
CA ALA B 37 3.95 -2.40 35.52
C ALA B 37 3.59 -0.93 35.82
N LEU B 38 2.61 -0.38 35.12
CA LEU B 38 1.98 0.87 35.49
C LEU B 38 0.64 0.54 36.13
N ASN B 39 0.04 1.49 36.83
CA ASN B 39 -1.33 1.31 37.32
C ASN B 39 -2.31 1.42 36.13
N GLU B 40 -2.20 0.48 35.18
CA GLU B 40 -2.98 0.52 33.95
C GLU B 40 -4.22 -0.34 34.13
N LEU B 41 -5.39 0.29 34.00
CA LEU B 41 -6.67 -0.37 34.31
C LEU B 41 -6.88 -1.66 33.51
N LEU B 42 -7.01 -2.76 34.24
CA LEU B 42 -7.09 -4.10 33.67
C LEU B 42 -8.54 -4.61 33.56
N VAL B 43 -9.42 -4.10 34.42
CA VAL B 43 -10.77 -4.66 34.57
C VAL B 43 -11.87 -3.68 34.21
N TYR B 44 -12.78 -4.16 33.37
CA TYR B 44 -13.96 -3.41 32.99
C TYR B 44 -15.16 -4.29 33.22
N TYR B 45 -15.91 -3.98 34.28
CA TYR B 45 -17.09 -4.76 34.61
C TYR B 45 -18.20 -4.41 33.63
N LEU B 46 -19.18 -5.29 33.49
CA LEU B 46 -20.28 -5.06 32.57
C LEU B 46 -21.60 -4.84 33.32
N LYS B 47 -22.63 -4.45 32.56
CA LYS B 47 -23.97 -4.22 33.09
C LYS B 47 -24.92 -5.22 32.44
N GLU B 48 -26.21 -5.09 32.71
CA GLU B 48 -27.24 -5.80 31.94
C GLU B 48 -27.33 -5.16 30.55
N HIS B 49 -27.19 -3.84 30.53
CA HIS B 49 -27.07 -3.07 29.30
C HIS B 49 -25.78 -2.25 29.37
N THR B 50 -24.83 -2.60 28.50
CA THR B 50 -23.49 -2.01 28.50
C THR B 50 -23.20 -1.35 27.14
N LEU B 51 -23.22 -0.02 27.11
CA LEU B 51 -22.91 0.77 25.92
C LEU B 51 -21.39 0.92 25.74
N ILE B 52 -20.89 0.59 24.54
CA ILE B 52 -19.45 0.71 24.20
C ILE B 52 -19.28 1.62 22.99
N GLY B 53 -18.34 2.56 23.06
CA GLY B 53 -18.09 3.50 21.95
C GLY B 53 -17.25 4.69 22.38
N SER B 54 -17.09 5.66 21.49
CA SER B 54 -16.26 6.84 21.79
C SER B 54 -17.02 7.98 22.47
N ALA B 55 -18.36 7.92 22.49
CA ALA B 55 -19.18 8.96 23.15
C ALA B 55 -18.98 8.94 24.67
N ASN B 56 -19.11 10.12 25.29
CA ASN B 56 -18.94 10.27 26.74
C ASN B 56 -20.03 9.50 27.48
N SER B 57 -21.19 9.40 26.85
CA SER B 57 -22.32 8.63 27.35
C SER B 57 -22.05 7.13 27.51
N GLN B 58 -21.04 6.60 26.82
CA GLN B 58 -20.81 5.14 26.82
C GLN B 58 -20.27 4.60 28.14
N ASP B 59 -20.69 3.39 28.49
CA ASP B 59 -20.26 2.76 29.73
C ASP B 59 -18.77 2.42 29.69
N ILE B 60 -18.35 1.72 28.63
CA ILE B 60 -16.91 1.51 28.35
C ILE B 60 -16.49 2.39 27.16
N GLN B 61 -15.88 3.53 27.48
CA GLN B 61 -15.54 4.54 26.50
C GLN B 61 -14.23 4.21 25.79
N LEU B 62 -14.32 3.80 24.53
CA LEU B 62 -13.14 3.44 23.74
C LEU B 62 -12.86 4.51 22.72
N CYS B 63 -11.81 5.28 22.97
CA CYS B 63 -11.35 6.27 22.01
C CYS B 63 -10.12 5.69 21.32
N GLY B 64 -10.14 5.71 20.00
CA GLY B 64 -9.09 5.09 19.21
C GLY B 64 -9.56 4.95 17.78
N MET B 65 -8.64 4.63 16.89
CA MET B 65 -8.98 4.48 15.48
C MET B 65 -9.97 3.33 15.28
N GLY B 66 -10.93 3.56 14.40
CA GLY B 66 -11.89 2.54 14.01
C GLY B 66 -13.11 2.44 14.90
N ILE B 67 -13.20 3.28 15.93
CA ILE B 67 -14.35 3.25 16.85
C ILE B 67 -15.36 4.33 16.53
N LEU B 68 -16.62 4.04 16.83
CA LEU B 68 -17.70 4.99 16.58
C LEU B 68 -18.19 5.60 17.87
N PRO B 69 -18.76 6.82 17.78
CA PRO B 69 -19.46 7.45 18.89
C PRO B 69 -20.15 6.43 19.76
N GLU B 70 -20.99 5.60 19.15
CA GLU B 70 -21.64 4.52 19.84
C GLU B 70 -21.44 3.30 18.97
N HIS B 71 -20.57 2.42 19.45
CA HIS B 71 -19.96 1.40 18.62
C HIS B 71 -20.66 0.03 18.77
N CYS B 72 -20.85 -0.39 20.00
CA CYS B 72 -21.21 -1.76 20.30
C CYS B 72 -22.03 -1.86 21.59
N ILE B 73 -23.06 -2.69 21.59
CA ILE B 73 -23.85 -2.97 22.80
C ILE B 73 -23.68 -4.42 23.23
N ILE B 74 -23.60 -4.64 24.55
CA ILE B 74 -23.45 -5.98 25.12
C ILE B 74 -24.51 -6.18 26.20
N ASP B 75 -25.53 -6.97 25.87
CA ASP B 75 -26.62 -7.23 26.81
C ASP B 75 -26.45 -8.59 27.49
N ILE B 76 -27.08 -8.73 28.66
CA ILE B 76 -27.15 -10.01 29.40
C ILE B 76 -28.62 -10.47 29.55
N THR B 77 -28.81 -11.77 29.78
CA THR B 77 -30.13 -12.39 30.05
C THR B 77 -30.33 -12.59 31.56
N SER B 78 -31.59 -12.61 32.00
CA SER B 78 -31.91 -12.90 33.40
C SER B 78 -31.84 -14.41 33.66
N VAL B 82 -24.27 -14.16 27.18
CA VAL B 82 -23.94 -12.79 26.86
C VAL B 82 -24.12 -12.57 25.36
N MET B 83 -24.67 -11.41 24.98
CA MET B 83 -25.08 -11.17 23.59
C MET B 83 -24.58 -9.83 23.03
N LEU B 84 -23.40 -9.88 22.42
CA LEU B 84 -22.86 -8.71 21.73
C LEU B 84 -23.64 -8.43 20.46
N THR B 85 -23.85 -7.14 20.19
CA THR B 85 -24.45 -6.69 18.95
C THR B 85 -23.81 -5.37 18.50
N PRO B 86 -23.07 -5.39 17.36
CA PRO B 86 -22.37 -4.19 16.91
C PRO B 86 -23.25 -3.19 16.16
N GLN B 87 -22.63 -2.16 15.59
CA GLN B 87 -23.29 -1.24 14.66
C GLN B 87 -22.93 -1.60 13.21
N LYS B 88 -23.71 -1.09 12.28
CA LYS B 88 -23.44 -1.26 10.85
C LYS B 88 -22.10 -0.57 10.48
N ASN B 89 -21.46 -1.03 9.42
CA ASN B 89 -20.17 -0.45 8.92
C ASN B 89 -18.97 -0.51 9.90
N THR B 90 -19.11 -1.29 10.98
CA THR B 90 -18.08 -1.39 12.02
C THR B 90 -17.35 -2.72 11.91
N ARG B 91 -16.03 -2.66 11.75
CA ARG B 91 -15.20 -3.88 11.83
C ARG B 91 -15.09 -4.37 13.31
N THR B 92 -15.47 -5.63 13.54
CA THR B 92 -15.45 -6.27 14.87
C THR B 92 -15.02 -7.73 14.73
N PHE B 93 -14.13 -8.19 15.60
CA PHE B 93 -13.61 -9.55 15.49
C PHE B 93 -13.75 -10.26 16.81
N VAL B 94 -14.40 -11.42 16.78
CA VAL B 94 -14.52 -12.30 17.92
C VAL B 94 -13.69 -13.52 17.65
N ASN B 95 -12.80 -13.87 18.57
CA ASN B 95 -11.87 -15.00 18.38
C ASN B 95 -11.26 -15.03 16.98
N GLY B 96 -10.72 -13.89 16.55
CA GLY B 96 -10.02 -13.79 15.29
C GLY B 96 -10.90 -13.81 14.04
N SER B 97 -12.21 -13.92 14.23
CA SER B 97 -13.13 -13.98 13.09
C SER B 97 -14.02 -12.74 13.03
N SER B 98 -14.21 -12.23 11.82
CA SER B 98 -15.03 -11.05 11.60
C SER B 98 -16.46 -11.27 12.02
N VAL B 99 -17.12 -10.21 12.49
CA VAL B 99 -18.50 -10.31 12.97
C VAL B 99 -19.34 -9.07 12.57
N SER B 100 -20.34 -9.29 11.70
CA SER B 100 -21.17 -8.20 11.17
C SER B 100 -22.66 -8.37 11.51
N SER B 101 -22.96 -8.94 12.68
CA SER B 101 -24.33 -9.29 13.10
C SER B 101 -24.34 -9.92 14.51
N PRO B 102 -25.42 -9.72 15.28
CA PRO B 102 -25.48 -10.24 16.66
C PRO B 102 -24.95 -11.64 16.80
N ILE B 103 -24.24 -11.89 17.91
CA ILE B 103 -23.62 -13.19 18.16
C ILE B 103 -23.38 -13.35 19.66
N GLN B 104 -23.58 -14.57 20.16
CA GLN B 104 -23.44 -14.84 21.58
C GLN B 104 -21.98 -15.03 21.91
N LEU B 105 -21.55 -14.42 23.00
CA LEU B 105 -20.17 -14.56 23.47
C LEU B 105 -20.15 -15.61 24.56
N HIS B 106 -18.99 -16.15 24.84
CA HIS B 106 -18.83 -17.13 25.91
C HIS B 106 -17.54 -16.81 26.68
N HIS B 107 -17.38 -17.41 27.86
CA HIS B 107 -16.22 -17.14 28.71
C HIS B 107 -14.93 -17.34 27.90
N GLY B 108 -13.96 -16.47 28.13
CA GLY B 108 -12.66 -16.56 27.46
C GLY B 108 -12.62 -16.07 26.01
N ASP B 109 -13.76 -15.68 25.45
CA ASP B 109 -13.79 -15.10 24.11
C ASP B 109 -12.98 -13.82 24.07
N ARG B 110 -12.28 -13.63 22.95
CA ARG B 110 -11.42 -12.48 22.74
C ARG B 110 -12.05 -11.56 21.68
N ILE B 111 -12.24 -10.29 22.07
CA ILE B 111 -12.87 -9.27 21.26
C ILE B 111 -11.87 -8.19 20.86
N LEU B 112 -11.86 -7.86 19.57
CA LEU B 112 -11.09 -6.75 19.05
C LEU B 112 -12.06 -5.77 18.41
N TRP B 113 -12.15 -4.59 19.01
CA TRP B 113 -12.89 -3.48 18.41
C TRP B 113 -11.93 -2.51 17.79
N GLY B 114 -12.21 -2.12 16.54
CA GLY B 114 -11.42 -1.11 15.88
C GLY B 114 -10.03 -1.59 15.55
N ASN B 115 -9.04 -0.79 15.87
CA ASN B 115 -7.66 -1.09 15.52
C ASN B 115 -6.91 -1.85 16.60
N ASN B 116 -7.07 -1.43 17.84
CA ASN B 116 -6.35 -2.08 18.91
C ASN B 116 -7.04 -2.04 20.29
N HIS B 117 -8.38 -2.01 20.30
CA HIS B 117 -9.14 -2.20 21.54
C HIS B 117 -9.43 -3.69 21.67
N PHE B 118 -8.67 -4.34 22.56
CA PHE B 118 -8.57 -5.79 22.57
C PHE B 118 -8.76 -6.36 23.98
N PHE B 119 -9.87 -7.09 24.16
CA PHE B 119 -10.28 -7.58 25.48
C PHE B 119 -10.53 -9.08 25.55
N ARG B 120 -10.40 -9.65 26.74
CA ARG B 120 -10.80 -11.03 26.99
C ARG B 120 -12.05 -11.00 27.89
N LEU B 121 -13.10 -11.70 27.45
CA LEU B 121 -14.38 -11.79 28.20
C LEU B 121 -14.28 -12.81 29.32
N ASN B 122 -14.73 -12.41 30.51
CA ASN B 122 -14.65 -13.23 31.72
C ASN B 122 -16.06 -13.48 32.28
N LEU B 123 -16.54 -14.73 32.25
CA LEU B 123 -17.79 -15.12 32.92
C LEU B 123 -17.53 -15.95 34.19
N PRO B 124 -18.34 -15.74 35.26
CA PRO B 124 -18.04 -16.39 36.54
C PRO B 124 -18.26 -17.92 36.51
N HIS C 6 -43.51 16.60 11.72
CA HIS C 6 -44.92 16.26 12.04
C HIS C 6 -45.65 15.64 10.84
N HIS C 7 -46.89 15.19 11.06
CA HIS C 7 -47.72 14.54 10.04
C HIS C 7 -49.01 15.34 9.82
N SER C 8 -49.85 14.86 8.88
CA SER C 8 -51.17 15.45 8.57
C SER C 8 -52.31 14.46 8.85
N SER C 9 -53.47 14.97 9.30
CA SER C 9 -54.58 14.10 9.77
C SER C 9 -55.32 13.36 8.64
N GLY C 10 -55.51 12.05 8.80
CA GLY C 10 -56.31 11.25 7.85
C GLY C 10 -55.61 10.05 7.22
N ARG C 11 -56.00 9.73 5.97
CA ARG C 11 -55.58 8.50 5.30
C ARG C 11 -54.17 8.58 4.71
N GLU C 12 -53.93 9.56 3.84
CA GLU C 12 -52.61 9.80 3.24
C GLU C 12 -51.52 9.98 4.33
N ASN C 13 -51.83 10.86 5.29
CA ASN C 13 -51.00 11.11 6.46
C ASN C 13 -49.54 11.35 6.09
N LEU C 14 -49.27 12.53 5.51
CA LEU C 14 -47.96 12.83 4.92
C LEU C 14 -46.97 13.37 5.95
N TYR C 15 -45.73 12.89 5.91
CA TYR C 15 -44.67 13.41 6.76
C TYR C 15 -44.04 14.59 6.01
N PHE C 16 -43.92 15.73 6.72
CA PHE C 16 -43.21 16.90 6.20
C PHE C 16 -41.92 17.10 6.99
N GLN C 17 -40.86 17.50 6.30
CA GLN C 17 -39.56 17.66 6.95
C GLN C 17 -39.25 19.10 7.27
N GLY C 18 -39.46 19.97 6.30
CA GLY C 18 -39.24 21.39 6.50
C GLY C 18 -37.80 21.77 6.22
N MET C 19 -37.51 23.05 6.48
CA MET C 19 -36.27 23.70 6.06
C MET C 19 -35.17 23.68 7.10
N ALA C 20 -35.36 22.90 8.15
CA ALA C 20 -34.47 22.94 9.31
C ALA C 20 -32.99 22.93 8.92
N LYS C 21 -32.53 21.83 8.33
CA LYS C 21 -31.10 21.65 8.04
C LYS C 21 -30.23 21.96 9.29
N GLU C 22 -30.69 21.48 10.44
CA GLU C 22 -30.05 21.73 11.74
C GLU C 22 -28.73 20.98 11.91
N ARG C 23 -28.58 19.88 11.16
CA ARG C 23 -27.40 19.01 11.25
C ARG C 23 -26.20 19.49 10.43
N ARG C 24 -26.45 19.99 9.23
CA ARG C 24 -25.37 20.60 8.45
C ARG C 24 -25.05 22.00 8.98
N ARG C 25 -25.92 22.54 9.83
CA ARG C 25 -25.59 23.74 10.63
C ARG C 25 -24.56 23.37 11.70
N ALA C 26 -24.75 22.26 12.38
CA ALA C 26 -23.80 21.83 13.38
C ALA C 26 -22.41 21.79 12.75
N VAL C 27 -22.26 21.03 11.66
CA VAL C 27 -20.95 20.89 11.04
C VAL C 27 -20.38 22.23 10.68
N LEU C 28 -21.21 23.11 10.15
CA LEU C 28 -20.75 24.44 9.78
C LEU C 28 -20.09 25.14 10.97
N GLU C 29 -20.71 25.06 12.14
CA GLU C 29 -20.15 25.72 13.32
C GLU C 29 -18.78 25.10 13.63
N LEU C 30 -18.64 23.80 13.42
CA LEU C 30 -17.35 23.11 13.61
C LEU C 30 -16.20 23.73 12.79
N LEU C 31 -16.48 24.34 11.65
CA LEU C 31 -15.41 24.94 10.85
C LEU C 31 -14.68 26.09 11.56
N GLN C 32 -15.30 26.63 12.61
CA GLN C 32 -14.68 27.70 13.38
C GLN C 32 -13.79 27.18 14.53
N ARG C 33 -13.76 25.87 14.77
CA ARG C 33 -12.89 25.32 15.83
C ARG C 33 -11.43 25.45 15.47
N PRO C 34 -10.56 25.50 16.48
CA PRO C 34 -9.13 25.58 16.22
C PRO C 34 -8.69 24.42 15.36
N GLY C 35 -7.85 24.68 14.36
CA GLY C 35 -7.29 23.63 13.50
C GLY C 35 -8.05 23.34 12.22
N ASN C 36 -9.28 23.84 12.11
CA ASN C 36 -10.14 23.52 10.98
C ASN C 36 -10.23 24.68 10.01
N ALA C 37 -9.29 25.61 10.09
CA ALA C 37 -9.33 26.81 9.29
C ALA C 37 -8.89 26.54 7.87
N ARG C 38 -8.23 25.40 7.66
CA ARG C 38 -7.56 25.06 6.39
C ARG C 38 -7.73 23.59 6.00
N CYS C 39 -7.44 23.28 4.74
CA CYS C 39 -7.61 21.93 4.22
C CYS C 39 -6.73 21.03 5.02
N ALA C 40 -7.27 19.92 5.51
CA ALA C 40 -6.45 19.03 6.34
C ALA C 40 -5.24 18.58 5.56
N ASP C 41 -5.41 18.40 4.24
CA ASP C 41 -4.35 17.82 3.40
C ASP C 41 -3.46 18.78 2.60
N CYS C 42 -4.01 19.81 1.97
CA CYS C 42 -3.19 20.70 1.12
C CYS C 42 -2.98 22.08 1.72
N GLY C 43 -3.62 22.34 2.85
CA GLY C 43 -3.47 23.59 3.57
C GLY C 43 -4.23 24.75 2.97
N ALA C 44 -5.08 24.48 1.99
CA ALA C 44 -5.84 25.57 1.33
C ALA C 44 -6.87 26.10 2.33
N PRO C 45 -7.00 27.44 2.44
CA PRO C 45 -7.92 28.08 3.41
C PRO C 45 -9.39 27.84 3.14
N ASP C 46 -10.20 27.96 4.19
CA ASP C 46 -11.65 27.90 4.07
C ASP C 46 -12.18 26.61 3.42
N PRO C 47 -11.83 25.47 4.03
CA PRO C 47 -12.37 24.22 3.56
C PRO C 47 -13.85 24.25 3.72
N ASP C 48 -14.53 23.64 2.76
CA ASP C 48 -15.98 23.56 2.74
C ASP C 48 -16.46 22.15 2.34
N TRP C 49 -15.62 21.15 2.56
CA TRP C 49 -16.01 19.74 2.39
C TRP C 49 -15.47 18.98 3.58
N ALA C 50 -15.93 17.74 3.73
CA ALA C 50 -15.54 16.93 4.85
C ALA C 50 -15.51 15.47 4.47
N SER C 51 -14.61 14.71 5.07
CA SER C 51 -14.65 13.27 5.03
C SER C 51 -15.19 12.88 6.36
N TYR C 52 -16.35 12.26 6.40
CA TYR C 52 -16.97 11.96 7.71
C TYR C 52 -16.49 10.65 8.31
N THR C 53 -15.92 9.75 7.52
CA THR C 53 -15.32 8.56 8.10
C THR C 53 -13.92 8.89 8.65
N LEU C 54 -13.23 9.84 8.03
CA LEU C 54 -11.95 10.32 8.57
C LEU C 54 -12.10 11.54 9.51
N GLY C 55 -13.22 12.23 9.46
CA GLY C 55 -13.45 13.36 10.36
C GLY C 55 -12.48 14.51 10.13
N VAL C 56 -12.16 14.79 8.86
CA VAL C 56 -11.31 15.94 8.49
C VAL C 56 -12.07 16.91 7.61
N PHE C 57 -11.59 18.15 7.59
CA PHE C 57 -12.19 19.21 6.79
C PHE C 57 -11.28 19.64 5.66
N ILE C 58 -11.82 19.58 4.44
CA ILE C 58 -11.00 19.66 3.24
C ILE C 58 -11.63 20.50 2.11
N CYS C 59 -10.79 20.85 1.15
CA CYS C 59 -11.18 21.65 0.01
C CYS C 59 -11.83 20.80 -1.05
N LEU C 60 -12.38 21.48 -2.04
CA LEU C 60 -13.09 20.85 -3.12
C LEU C 60 -12.19 19.89 -3.87
N SER C 61 -10.99 20.38 -4.18
CA SER C 61 -10.05 19.63 -4.98
C SER C 61 -9.61 18.37 -4.27
N CYS C 62 -9.25 18.49 -3.00
CA CYS C 62 -8.82 17.33 -2.21
C CYS C 62 -9.97 16.34 -2.06
N SER C 63 -11.18 16.84 -1.83
CA SER C 63 -12.34 15.98 -1.68
C SER C 63 -12.55 15.11 -2.92
N GLY C 64 -12.19 15.63 -4.08
CA GLY C 64 -12.22 14.83 -5.29
C GLY C 64 -11.38 13.58 -5.15
N ILE C 65 -10.17 13.76 -4.63
CA ILE C 65 -9.20 12.69 -4.45
C ILE C 65 -9.68 11.68 -3.40
N HIS C 66 -10.31 12.19 -2.35
CA HIS C 66 -10.93 11.34 -1.34
C HIS C 66 -12.03 10.43 -1.88
N ARG C 67 -12.70 10.84 -2.96
CA ARG C 67 -13.76 10.03 -3.56
C ARG C 67 -13.22 8.77 -4.21
N ASN C 68 -12.00 8.85 -4.74
CA ASN C 68 -11.25 7.67 -5.22
C ASN C 68 -10.93 6.64 -4.15
N ILE C 69 -10.94 7.02 -2.87
CA ILE C 69 -10.59 6.11 -1.79
C ILE C 69 -11.84 5.77 -0.96
N PRO C 70 -12.93 5.32 -1.60
CA PRO C 70 -14.18 5.22 -0.83
C PRO C 70 -14.12 4.17 0.28
N GLN C 71 -13.16 3.26 0.20
CA GLN C 71 -12.98 2.28 1.24
C GLN C 71 -12.38 2.89 2.50
N VAL C 72 -11.80 4.08 2.36
CA VAL C 72 -11.28 4.81 3.52
C VAL C 72 -12.06 6.10 3.82
N SER C 73 -12.35 6.89 2.78
CA SER C 73 -12.94 8.23 2.95
C SER C 73 -14.28 8.31 2.26
N LYS C 74 -15.26 8.90 2.93
CA LYS C 74 -16.52 9.26 2.29
C LYS C 74 -16.74 10.70 2.57
N VAL C 75 -17.14 11.44 1.54
CA VAL C 75 -17.20 12.89 1.59
C VAL C 75 -18.62 13.41 1.50
N LYS C 76 -18.84 14.56 2.13
CA LYS C 76 -20.09 15.33 2.02
C LYS C 76 -19.71 16.79 1.93
N SER C 77 -20.48 17.59 1.20
CA SER C 77 -20.36 19.04 1.28
C SER C 77 -20.82 19.46 2.65
N VAL C 78 -20.15 20.43 3.25
CA VAL C 78 -20.60 20.96 4.53
C VAL C 78 -21.94 21.64 4.38
N ARG C 79 -22.20 22.21 3.20
CA ARG C 79 -23.39 23.07 2.94
C ARG C 79 -24.47 22.48 2.03
N LEU C 80 -24.06 21.65 1.06
CA LEU C 80 -24.99 21.10 0.06
C LEU C 80 -25.36 19.64 0.29
N ASP C 81 -25.05 19.09 1.46
CA ASP C 81 -25.28 17.68 1.68
C ASP C 81 -26.05 17.50 2.96
N ALA C 82 -27.00 16.55 2.94
CA ALA C 82 -27.70 16.15 4.13
C ALA C 82 -26.77 15.27 4.94
N TRP C 83 -26.75 15.50 6.25
CA TRP C 83 -25.87 14.83 7.17
C TRP C 83 -26.68 14.00 8.18
N GLU C 84 -26.32 12.74 8.36
CA GLU C 84 -26.84 11.94 9.45
C GLU C 84 -26.22 12.43 10.78
N GLU C 85 -26.92 12.16 11.87
CA GLU C 85 -26.56 12.67 13.20
C GLU C 85 -25.22 12.15 13.71
N ALA C 86 -25.00 10.85 13.53
CA ALA C 86 -23.76 10.25 13.94
C ALA C 86 -22.61 10.88 13.19
N GLN C 87 -22.85 11.27 11.94
CA GLN C 87 -21.78 11.85 11.13
C GLN C 87 -21.34 13.20 11.68
N VAL C 88 -22.28 14.03 12.12
CA VAL C 88 -21.91 15.28 12.74
C VAL C 88 -21.11 15.01 14.00
N GLU C 89 -21.52 13.99 14.75
CA GLU C 89 -20.85 13.61 16.01
C GLU C 89 -19.37 13.27 15.81
N PHE C 90 -19.07 12.60 14.70
CA PHE C 90 -17.72 12.16 14.38
C PHE C 90 -16.85 13.39 14.15
N MET C 91 -17.37 14.28 13.31
CA MET C 91 -16.68 15.51 13.00
C MET C 91 -16.44 16.28 14.29
N ALA C 92 -17.46 16.34 15.13
CA ALA C 92 -17.38 17.03 16.40
C ALA C 92 -16.29 16.45 17.29
N SER C 93 -16.17 15.13 17.30
CA SER C 93 -15.18 14.44 18.13
C SER C 93 -13.87 14.15 17.40
N HIS C 94 -13.57 14.88 16.32
CA HIS C 94 -12.36 14.65 15.56
C HIS C 94 -11.83 15.95 14.99
N GLY C 95 -11.90 16.13 13.68
CA GLY C 95 -11.38 17.35 13.07
C GLY C 95 -9.92 17.22 12.67
N ASN C 96 -9.36 18.32 12.18
CA ASN C 96 -8.05 18.32 11.55
C ASN C 96 -6.83 18.17 12.52
N ASP C 97 -6.92 18.76 13.71
CA ASP C 97 -5.92 18.54 14.75
C ASP C 97 -5.90 17.08 15.14
N ALA C 98 -7.06 16.44 15.21
CA ALA C 98 -7.11 15.03 15.58
C ALA C 98 -6.38 14.21 14.53
N ALA C 99 -6.65 14.51 13.27
CA ALA C 99 -6.08 13.74 12.19
C ALA C 99 -4.58 13.94 12.08
N ARG C 100 -4.10 15.12 12.46
CA ARG C 100 -2.66 15.36 12.45
C ARG C 100 -1.98 14.42 13.43
N ALA C 101 -2.51 14.34 14.64
CA ALA C 101 -1.94 13.51 15.67
C ALA C 101 -2.02 12.03 15.34
N ARG C 102 -3.05 11.64 14.59
CA ARG C 102 -3.23 10.23 14.21
C ARG C 102 -2.42 9.92 12.96
N PHE C 103 -2.74 10.61 11.86
CA PHE C 103 -2.20 10.29 10.55
C PHE C 103 -0.89 10.98 10.18
N GLU C 104 -0.53 12.03 10.92
CA GLU C 104 0.76 12.69 10.68
C GLU C 104 1.63 12.52 11.90
N SER C 105 1.36 11.46 12.64
CA SER C 105 2.14 11.17 13.81
C SER C 105 3.64 11.09 13.48
N LYS C 106 4.03 10.32 12.47
CA LYS C 106 5.44 10.04 12.26
C LYS C 106 5.93 10.35 10.84
N VAL C 107 5.99 11.64 10.54
CA VAL C 107 6.30 12.12 9.20
C VAL C 107 7.75 12.61 9.17
N PRO C 108 8.63 11.86 8.51
CA PRO C 108 10.03 12.28 8.53
C PRO C 108 10.18 13.73 8.12
N SER C 109 11.02 14.46 8.81
CA SER C 109 11.17 15.87 8.57
C SER C 109 11.59 16.19 7.12
N PHE C 110 12.12 15.23 6.38
CA PHE C 110 12.48 15.45 4.96
C PHE C 110 11.32 15.21 3.99
N TYR C 111 10.25 14.56 4.46
CA TYR C 111 9.13 14.18 3.58
C TYR C 111 8.37 15.42 3.13
N TYR C 112 8.22 15.52 1.82
CA TYR C 112 7.58 16.66 1.14
C TYR C 112 6.06 16.75 1.36
N ARG C 113 5.63 17.90 1.86
CA ARG C 113 4.20 18.18 2.06
C ARG C 113 3.66 19.11 0.97
N PRO C 114 2.65 18.63 0.21
CA PRO C 114 2.10 19.37 -0.95
C PRO C 114 1.44 20.69 -0.63
N THR C 115 1.54 21.62 -1.57
CA THR C 115 0.83 22.89 -1.51
C THR C 115 -0.28 22.85 -2.56
N PRO C 116 -1.23 23.80 -2.51
CA PRO C 116 -2.36 23.69 -3.45
C PRO C 116 -1.99 23.72 -4.92
N SER C 117 -0.93 24.43 -5.27
CA SER C 117 -0.47 24.53 -6.64
C SER C 117 0.35 23.34 -7.14
N ASP C 118 0.83 22.48 -6.26
CA ASP C 118 1.60 21.27 -6.69
C ASP C 118 0.72 20.38 -7.57
N CYS C 119 1.36 19.48 -8.30
CA CYS C 119 0.64 18.61 -9.24
C CYS C 119 -0.25 17.63 -8.56
N GLN C 120 -1.10 16.99 -9.32
CA GLN C 120 -2.09 16.09 -8.77
C GLN C 120 -1.45 14.89 -8.10
N LEU C 121 -0.37 14.39 -8.72
CA LEU C 121 0.30 13.18 -8.21
C LEU C 121 0.74 13.39 -6.78
N LEU C 122 1.39 14.53 -6.54
CA LEU C 122 1.91 14.85 -5.22
C LEU C 122 0.80 14.95 -4.18
N ARG C 123 -0.33 15.53 -4.57
CA ARG C 123 -1.44 15.78 -3.66
C ARG C 123 -2.20 14.52 -3.37
N GLU C 124 -2.30 13.63 -4.36
CA GLU C 124 -3.06 12.40 -4.20
C GLU C 124 -2.27 11.40 -3.39
N GLN C 125 -0.99 11.27 -3.73
CA GLN C 125 -0.09 10.36 -3.01
C GLN C 125 0.16 10.83 -1.56
N TRP C 126 -0.01 12.12 -1.29
CA TRP C 126 0.01 12.61 0.07
C TRP C 126 -1.23 12.10 0.80
N ILE C 127 -2.42 12.33 0.24
CA ILE C 127 -3.64 11.85 0.86
C ILE C 127 -3.61 10.33 1.05
N ARG C 128 -3.21 9.57 0.02
CA ARG C 128 -3.19 8.08 0.12
C ARG C 128 -2.19 7.59 1.19
N ALA C 129 -0.99 8.21 1.22
CA ALA C 129 0.05 7.90 2.21
C ALA C 129 -0.50 7.97 3.62
N LYS C 130 -1.10 9.11 3.95
CA LYS C 130 -1.68 9.36 5.26
C LYS C 130 -2.81 8.41 5.61
N TYR C 131 -3.84 8.33 4.77
CA TYR C 131 -5.11 7.73 5.13
C TYR C 131 -5.31 6.29 4.71
N GLU C 132 -4.90 5.98 3.48
CA GLU C 132 -5.03 4.62 2.91
C GLU C 132 -3.94 3.71 3.40
N ARG C 133 -2.69 4.08 3.12
CA ARG C 133 -1.56 3.24 3.52
C ARG C 133 -1.21 3.45 5.00
N GLN C 134 -1.51 4.62 5.53
CA GLN C 134 -1.16 4.96 6.90
C GLN C 134 0.34 4.89 7.11
N GLU C 135 1.10 5.37 6.11
CA GLU C 135 2.56 5.39 6.16
C GLU C 135 3.14 6.10 7.37
N PHE C 136 2.35 6.93 8.05
CA PHE C 136 2.88 7.76 9.14
C PHE C 136 2.28 7.42 10.50
N ILE C 137 1.58 6.29 10.56
CA ILE C 137 1.25 5.64 11.81
C ILE C 137 2.25 4.54 12.06
N TYR C 138 2.74 3.92 10.97
CA TYR C 138 3.54 2.70 11.01
C TYR C 138 4.87 2.89 10.27
N PRO C 139 5.93 3.18 11.02
CA PRO C 139 7.27 3.46 10.49
C PRO C 139 7.84 2.40 9.54
N GLU C 140 7.45 1.15 9.73
CA GLU C 140 7.86 0.08 8.82
C GLU C 140 7.62 0.49 7.37
N LYS C 141 6.47 1.14 7.14
CA LYS C 141 6.05 1.49 5.80
C LYS C 141 6.93 2.53 5.11
N GLN C 142 7.87 3.12 5.84
CA GLN C 142 8.68 4.20 5.26
C GLN C 142 10.02 3.72 4.72
N GLU C 143 10.24 2.40 4.76
CA GLU C 143 11.55 1.82 4.48
C GLU C 143 12.12 2.17 3.08
N PRO C 144 11.24 2.27 2.07
CA PRO C 144 11.67 2.67 0.71
C PRO C 144 12.51 3.95 0.61
N TYR C 145 12.21 4.94 1.42
CA TYR C 145 12.95 6.20 1.37
C TYR C 145 13.67 6.49 2.67
N SER C 146 13.84 5.47 3.51
CA SER C 146 14.52 5.63 4.78
C SER C 146 15.71 4.71 4.99
N ALA C 147 15.96 3.81 4.05
CA ALA C 147 17.11 2.90 4.15
C ALA C 147 18.36 3.57 3.64
N GLY C 148 18.25 4.70 2.96
CA GLY C 148 19.43 5.38 2.40
C GLY C 148 20.03 4.67 1.20
N TYR C 149 19.30 3.68 0.67
CA TYR C 149 19.67 2.99 -0.55
C TYR C 149 18.39 2.56 -1.24
N ARG C 150 18.20 3.03 -2.46
CA ARG C 150 17.07 2.65 -3.31
C ARG C 150 17.58 2.39 -4.71
N GLU C 151 17.12 1.29 -5.30
CA GLU C 151 17.42 1.05 -6.70
C GLU C 151 16.22 0.48 -7.47
N GLY C 152 16.15 0.82 -8.74
CA GLY C 152 15.04 0.38 -9.56
C GLY C 152 15.07 1.02 -10.94
N PHE C 153 14.27 0.46 -11.83
CA PHE C 153 14.22 0.97 -13.18
C PHE C 153 13.27 2.17 -13.28
N LEU C 154 13.65 3.14 -14.08
CA LEU C 154 12.87 4.34 -14.30
C LEU C 154 12.99 4.72 -15.77
N TRP C 155 11.86 5.00 -16.40
CA TRP C 155 11.84 5.43 -17.79
C TRP C 155 12.48 6.80 -17.88
N LYS C 156 13.57 6.90 -18.64
CA LYS C 156 14.35 8.13 -18.72
C LYS C 156 14.36 8.64 -20.15
N ARG C 157 14.30 9.95 -20.30
CA ARG C 157 14.22 10.58 -21.60
C ARG C 157 15.62 10.60 -22.17
N GLY C 158 15.74 10.26 -23.44
CA GLY C 158 17.01 10.36 -24.15
C GLY C 158 17.44 11.81 -24.26
N ARG C 159 18.73 12.03 -24.37
CA ARG C 159 19.26 13.39 -24.32
C ARG C 159 18.73 14.25 -25.47
N ASP C 160 18.80 13.72 -26.68
CA ASP C 160 18.37 14.46 -27.88
C ASP C 160 17.20 13.80 -28.62
N ASN C 161 17.10 12.46 -28.58
CA ASN C 161 16.08 11.74 -29.39
C ASN C 161 14.65 11.85 -28.84
N GLY C 162 14.53 12.33 -27.60
CA GLY C 162 13.23 12.50 -26.95
C GLY C 162 12.42 11.25 -26.64
N GLN C 163 13.02 10.07 -26.82
CA GLN C 163 12.38 8.82 -26.42
C GLN C 163 12.53 8.64 -24.92
N PHE C 164 11.77 7.71 -24.34
CA PHE C 164 11.82 7.41 -22.91
C PHE C 164 12.06 5.94 -22.75
N LEU C 165 13.25 5.59 -22.25
CA LEU C 165 13.68 4.22 -22.23
C LEU C 165 14.08 3.77 -20.84
N SER C 166 13.84 2.48 -20.58
CA SER C 166 13.96 1.89 -19.25
C SER C 166 15.43 1.70 -18.84
N ARG C 167 15.80 2.25 -17.68
CA ARG C 167 17.22 2.32 -17.23
C ARG C 167 17.30 2.15 -15.73
N LYS C 168 18.14 1.23 -15.25
CA LYS C 168 18.36 1.04 -13.79
C LYS C 168 18.95 2.30 -13.14
N PHE C 169 18.33 2.73 -12.03
CA PHE C 169 18.83 3.83 -11.21
C PHE C 169 19.18 3.30 -9.83
N VAL C 170 20.06 4.02 -9.14
CA VAL C 170 20.53 3.62 -7.83
C VAL C 170 20.85 4.86 -7.07
N LEU C 171 20.05 5.15 -6.05
CA LEU C 171 20.38 6.23 -5.13
C LEU C 171 21.06 5.59 -3.95
N THR C 172 22.24 6.08 -3.61
CA THR C 172 23.02 5.55 -2.50
C THR C 172 23.62 6.66 -1.67
N GLU C 173 23.14 6.78 -0.42
CA GLU C 173 23.60 7.79 0.51
C GLU C 173 25.05 7.55 0.95
N ARG C 174 25.45 6.28 0.94
CA ARG C 174 26.82 5.88 1.30
C ARG C 174 27.83 6.62 0.42
N GLU C 175 27.68 6.46 -0.89
CA GLU C 175 28.51 7.18 -1.86
C GLU C 175 28.04 8.62 -2.03
N GLY C 176 26.78 8.88 -1.68
CA GLY C 176 26.22 10.22 -1.74
C GLY C 176 25.88 10.63 -3.15
N ALA C 177 25.26 9.72 -3.90
CA ALA C 177 25.00 9.95 -5.30
C ALA C 177 23.85 9.14 -5.89
N LEU C 178 23.18 9.75 -6.86
CA LEU C 178 22.26 9.06 -7.76
C LEU C 178 23.04 8.69 -9.00
N LYS C 179 22.92 7.43 -9.43
CA LYS C 179 23.60 6.98 -10.61
C LYS C 179 22.70 6.07 -11.44
N TYR C 180 22.89 6.10 -12.76
CA TYR C 180 22.15 5.23 -13.67
C TYR C 180 23.06 4.46 -14.62
N PHE C 181 22.53 3.34 -15.12
CA PHE C 181 23.24 2.41 -16.00
C PHE C 181 22.38 2.12 -17.23
N ASN C 182 22.95 2.23 -18.44
CA ASN C 182 22.27 1.76 -19.68
C ASN C 182 22.88 0.48 -20.25
N ALA C 186 25.25 -3.36 -18.12
CA ALA C 186 26.35 -2.42 -17.97
C ALA C 186 27.32 -2.80 -16.85
N LYS C 187 28.47 -2.15 -16.86
CA LYS C 187 29.56 -2.42 -15.92
C LYS C 187 29.65 -1.28 -14.90
N GLU C 188 30.43 -0.25 -15.23
CA GLU C 188 30.37 1.01 -14.50
C GLU C 188 29.07 1.73 -14.93
N PRO C 189 28.55 2.65 -14.07
CA PRO C 189 27.34 3.41 -14.42
C PRO C 189 27.54 4.44 -15.52
N LYS C 190 26.51 4.65 -16.33
CA LYS C 190 26.53 5.63 -17.42
C LYS C 190 26.71 7.06 -16.90
N ALA C 191 26.32 7.29 -15.66
CA ALA C 191 26.53 8.59 -15.00
C ALA C 191 26.33 8.47 -13.49
N VAL C 192 26.99 9.39 -12.77
CA VAL C 192 27.05 9.42 -11.31
C VAL C 192 26.90 10.88 -10.86
N MET C 193 25.80 11.17 -10.19
CA MET C 193 25.46 12.53 -9.82
C MET C 193 25.59 12.74 -8.31
N LYS C 194 26.61 13.52 -7.94
CA LYS C 194 26.86 13.90 -6.55
C LYS C 194 25.66 14.61 -5.95
N ILE C 195 25.23 14.14 -4.78
CA ILE C 195 23.99 14.60 -4.15
C ILE C 195 24.04 16.09 -3.75
N GLU C 196 25.25 16.62 -3.55
CA GLU C 196 25.41 18.06 -3.27
C GLU C 196 24.78 18.90 -4.36
N HIS C 197 24.77 18.37 -5.59
CA HIS C 197 24.35 19.12 -6.76
C HIS C 197 22.97 18.71 -7.33
N LEU C 198 22.31 17.74 -6.71
CA LEU C 198 20.97 17.33 -7.15
C LEU C 198 19.87 18.27 -6.68
N ASN C 199 18.97 18.56 -7.61
CA ASN C 199 17.65 19.03 -7.30
C ASN C 199 16.68 18.11 -7.97
N ALA C 200 15.47 18.02 -7.42
CA ALA C 200 14.40 17.26 -8.03
C ALA C 200 13.11 18.08 -7.97
N THR C 201 12.32 18.02 -9.02
CA THR C 201 11.08 18.77 -9.06
C THR C 201 10.09 18.08 -10.00
N PHE C 202 8.84 17.95 -9.57
CA PHE C 202 7.85 17.33 -10.44
C PHE C 202 7.42 18.31 -11.51
N GLN C 203 7.36 17.80 -12.75
CA GLN C 203 6.99 18.58 -13.95
C GLN C 203 6.12 17.71 -14.85
N PRO C 204 4.90 17.37 -14.40
CA PRO C 204 4.09 16.52 -15.25
C PRO C 204 3.75 17.15 -16.60
N ALA C 205 3.45 18.44 -16.59
CA ALA C 205 3.01 19.15 -17.81
C ALA C 205 4.14 19.19 -18.84
N LYS C 206 5.31 19.64 -18.40
CA LYS C 206 6.46 19.78 -19.26
C LYS C 206 6.80 18.43 -19.88
N ILE C 207 6.91 17.42 -19.01
CA ILE C 207 7.37 16.08 -19.39
C ILE C 207 6.30 15.27 -20.13
N GLY C 208 5.06 15.74 -20.08
CA GLY C 208 3.96 15.09 -20.79
C GLY C 208 3.46 13.85 -20.08
N HIS C 209 3.79 13.70 -18.80
CA HIS C 209 3.48 12.46 -18.08
C HIS C 209 3.07 12.78 -16.63
N PRO C 210 1.96 12.18 -16.16
CA PRO C 210 1.50 12.44 -14.81
C PRO C 210 2.55 12.19 -13.70
N HIS C 211 3.48 11.28 -13.96
CA HIS C 211 4.51 10.90 -12.99
C HIS C 211 5.86 11.46 -13.40
N GLY C 212 5.88 12.59 -14.09
CA GLY C 212 7.13 13.12 -14.61
C GLY C 212 7.96 13.87 -13.58
N LEU C 213 9.19 13.40 -13.34
CA LEU C 213 10.08 14.05 -12.39
C LEU C 213 11.31 14.59 -13.12
N GLN C 214 11.59 15.87 -12.91
CA GLN C 214 12.79 16.52 -13.42
C GLN C 214 13.87 16.49 -12.36
N VAL C 215 14.98 15.85 -12.68
CA VAL C 215 16.16 15.80 -11.81
C VAL C 215 17.26 16.58 -12.49
N THR C 216 17.85 17.53 -11.77
CA THR C 216 18.94 18.35 -12.34
C THR C 216 20.26 18.14 -11.57
N TYR C 217 21.33 17.90 -12.33
CA TYR C 217 22.69 17.78 -11.79
C TYR C 217 23.47 18.98 -12.30
N LEU C 218 24.09 19.74 -11.40
CA LEU C 218 24.88 20.92 -11.76
C LEU C 218 26.39 20.61 -11.68
N LYS C 219 26.97 20.18 -12.79
CA LYS C 219 28.43 20.01 -12.93
C LYS C 219 29.02 21.13 -13.79
N ASP C 220 29.96 21.88 -13.21
CA ASP C 220 30.79 22.89 -13.92
C ASP C 220 30.00 24.08 -14.46
N ASN C 221 29.22 24.73 -13.59
CA ASN C 221 28.29 25.81 -13.99
C ASN C 221 27.28 25.42 -15.10
N SER C 222 27.26 24.15 -15.47
CA SER C 222 26.32 23.64 -16.44
C SER C 222 25.34 22.74 -15.67
N THR C 223 24.06 22.79 -16.06
CA THR C 223 23.00 22.07 -15.36
C THR C 223 22.28 21.10 -16.30
N ARG C 224 22.64 19.83 -16.21
CA ARG C 224 22.01 18.82 -17.05
C ARG C 224 20.62 18.57 -16.54
N ASN C 225 19.66 18.51 -17.46
CA ASN C 225 18.31 18.13 -17.12
C ASN C 225 18.02 16.69 -17.51
N ILE C 226 17.67 15.91 -16.50
CA ILE C 226 17.21 14.54 -16.67
C ILE C 226 15.71 14.52 -16.41
N PHE C 227 14.97 13.79 -17.24
CA PHE C 227 13.52 13.75 -17.19
C PHE C 227 13.09 12.32 -17.10
N ILE C 228 12.52 11.94 -15.96
CA ILE C 228 12.22 10.53 -15.71
C ILE C 228 10.83 10.31 -15.16
N TYR C 229 10.36 9.08 -15.27
CA TYR C 229 9.06 8.75 -14.77
C TYR C 229 8.92 7.27 -14.46
N HIS C 230 7.93 6.96 -13.61
CA HIS C 230 7.64 5.57 -13.21
C HIS C 230 6.19 5.27 -13.53
N GLU C 231 5.94 4.07 -14.02
CA GLU C 231 4.58 3.65 -14.37
C GLU C 231 3.64 3.76 -13.18
N ASP C 232 4.15 3.38 -12.00
CA ASP C 232 3.45 3.52 -10.71
C ASP C 232 3.72 4.86 -10.00
N GLY C 233 2.65 5.45 -9.45
CA GLY C 233 2.73 6.77 -8.82
C GLY C 233 3.45 6.75 -7.48
N LYS C 234 3.10 5.80 -6.63
CA LYS C 234 3.79 5.67 -5.34
C LYS C 234 5.33 5.54 -5.50
N GLU C 235 5.79 4.87 -6.55
CA GLU C 235 7.21 4.59 -6.67
C GLU C 235 7.97 5.84 -7.08
N ILE C 236 7.40 6.64 -7.97
CA ILE C 236 8.09 7.86 -8.33
C ILE C 236 8.15 8.80 -7.12
N VAL C 237 7.08 8.80 -6.30
CA VAL C 237 7.04 9.68 -5.13
C VAL C 237 8.00 9.17 -4.03
N ASP C 238 8.11 7.85 -3.88
CA ASP C 238 9.14 7.29 -3.02
C ASP C 238 10.52 7.71 -3.54
N TRP C 239 10.79 7.51 -4.82
CA TRP C 239 12.02 8.03 -5.40
C TRP C 239 12.19 9.50 -5.00
N PHE C 240 11.17 10.32 -5.24
CA PHE C 240 11.29 11.74 -4.93
C PHE C 240 11.73 11.96 -3.49
N ASN C 241 11.06 11.30 -2.56
CA ASN C 241 11.36 11.53 -1.15
C ASN C 241 12.67 10.88 -0.71
N ALA C 242 13.05 9.77 -1.36
CA ALA C 242 14.37 9.18 -1.09
C ALA C 242 15.43 10.23 -1.39
N LEU C 243 15.29 10.87 -2.55
CA LEU C 243 16.20 11.93 -2.95
C LEU C 243 16.26 13.01 -1.89
N ARG C 244 15.10 13.42 -1.39
CA ARG C 244 15.07 14.40 -0.31
C ARG C 244 15.74 13.89 0.95
N ALA C 245 15.54 12.61 1.30
CA ALA C 245 16.24 12.03 2.45
C ALA C 245 17.76 12.14 2.24
N ALA C 246 18.18 11.82 1.01
CA ALA C 246 19.59 11.83 0.64
C ALA C 246 20.20 13.19 0.78
N ARG C 247 19.47 14.21 0.34
CA ARG C 247 19.95 15.58 0.44
C ARG C 247 20.02 15.98 1.90
N PHE C 248 18.99 15.60 2.65
CA PHE C 248 18.87 16.03 4.03
C PHE C 248 20.04 15.50 4.84
N HIS C 249 20.22 14.18 4.75
CA HIS C 249 21.27 13.52 5.49
C HIS C 249 22.60 14.05 5.04
N TYR C 250 22.76 14.18 3.73
CA TYR C 250 23.98 14.80 3.23
C TYR C 250 24.19 16.17 3.87
N LEU C 251 23.16 17.03 3.88
CA LEU C 251 23.28 18.39 4.41
C LEU C 251 23.58 18.45 5.91
N GLN C 252 23.02 17.53 6.69
CA GLN C 252 23.24 17.45 8.16
C GLN C 252 24.72 17.28 8.49
N VAL C 253 25.39 16.48 7.66
CA VAL C 253 26.82 16.18 7.82
C VAL C 253 27.67 17.24 7.13
N ALA C 254 27.21 17.73 5.98
CA ALA C 254 27.86 18.86 5.31
C ALA C 254 27.74 20.14 6.14
N PHE C 255 26.64 20.29 6.86
CA PHE C 255 26.43 21.48 7.67
C PHE C 255 25.76 21.08 8.98
N PRO C 256 26.57 20.59 9.92
CA PRO C 256 26.06 20.50 11.27
C PRO C 256 26.12 21.88 11.89
N GLY C 257 25.38 22.08 12.97
CA GLY C 257 25.23 23.41 13.55
C GLY C 257 24.03 24.12 12.93
N ALA C 258 23.80 23.86 11.65
CA ALA C 258 22.56 24.23 10.99
C ALA C 258 21.43 23.31 11.50
N SER C 259 20.29 23.91 11.83
CA SER C 259 19.13 23.15 12.34
C SER C 259 18.44 22.41 11.21
N ASP C 260 17.56 21.48 11.56
CA ASP C 260 16.73 20.80 10.56
C ASP C 260 15.79 21.80 9.88
N ALA C 261 15.21 22.70 10.67
CA ALA C 261 14.34 23.78 10.18
C ALA C 261 15.02 24.64 9.11
N ASP C 262 16.30 24.94 9.33
CA ASP C 262 17.08 25.71 8.36
C ASP C 262 17.50 24.89 7.12
N LEU C 263 17.48 23.56 7.24
CA LEU C 263 17.95 22.66 6.16
C LEU C 263 16.82 22.14 5.26
N VAL C 264 15.63 21.92 5.82
CA VAL C 264 14.50 21.39 5.04
C VAL C 264 14.16 22.17 3.77
N PRO C 265 14.14 23.52 3.86
CA PRO C 265 13.77 24.31 2.68
C PRO C 265 14.77 24.22 1.55
N LYS C 266 15.99 23.78 1.83
CA LYS C 266 16.98 23.59 0.80
C LYS C 266 16.81 22.27 0.09
N LEU C 267 16.16 21.30 0.72
CA LEU C 267 16.20 19.92 0.23
C LEU C 267 16.02 19.86 -1.27
N SER C 268 14.92 20.44 -1.76
CA SER C 268 14.71 20.56 -3.22
C SER C 268 13.93 21.83 -3.58
N ARG C 269 14.38 22.52 -4.63
CA ARG C 269 13.80 23.77 -5.09
C ARG C 269 12.79 23.50 -6.21
N ASN C 270 11.59 24.09 -6.08
CA ASN C 270 10.62 24.18 -7.18
C ASN C 270 10.79 25.53 -7.87
N TYR C 271 10.63 25.58 -9.19
CA TYR C 271 10.81 26.83 -9.95
C TYR C 271 9.71 27.85 -9.63
N LEU C 272 10.08 29.13 -9.54
CA LEU C 272 9.12 30.20 -9.27
C LEU C 272 8.21 30.48 -10.47
N LYS C 273 8.76 30.35 -11.68
CA LYS C 273 8.00 30.58 -12.91
C LYS C 273 8.73 30.00 -14.09
N GLU C 274 7.99 29.36 -14.97
CA GLU C 274 8.49 28.99 -16.27
C GLU C 274 7.48 29.39 -17.32
N GLY C 275 7.85 29.23 -18.57
CA GLY C 275 6.97 29.57 -19.66
C GLY C 275 7.79 30.25 -20.71
N TYR C 276 7.23 30.37 -21.92
CA TYR C 276 7.93 31.01 -23.03
C TYR C 276 8.01 32.52 -22.83
N MET C 277 8.95 33.12 -23.54
CA MET C 277 9.09 34.56 -23.69
C MET C 277 9.86 34.74 -24.98
N GLU C 278 9.95 35.97 -25.46
CA GLU C 278 10.73 36.24 -26.66
C GLU C 278 12.05 36.87 -26.26
N LYS C 279 13.13 36.43 -26.93
CA LYS C 279 14.50 36.93 -26.64
C LYS C 279 15.15 37.48 -27.90
N PHE C 288 13.69 38.68 -33.01
CA PHE C 288 13.23 38.08 -31.77
C PHE C 288 12.95 36.59 -31.92
N ARG C 289 13.45 35.83 -30.97
CA ARG C 289 13.36 34.38 -30.97
C ARG C 289 12.47 33.95 -29.79
N LYS C 290 11.60 32.97 -30.04
CA LYS C 290 10.81 32.31 -29.00
C LYS C 290 11.69 31.26 -28.28
N ARG C 291 11.96 31.48 -26.99
CA ARG C 291 12.68 30.51 -26.14
C ARG C 291 11.84 30.15 -24.89
N TRP C 292 12.11 28.98 -24.31
CA TRP C 292 11.47 28.54 -23.05
C TRP C 292 12.32 29.00 -21.88
N PHE C 293 11.70 29.46 -20.80
CA PHE C 293 12.44 30.08 -19.70
C PHE C 293 12.11 29.44 -18.38
N THR C 294 13.14 29.18 -17.59
CA THR C 294 13.01 28.61 -16.25
C THR C 294 13.66 29.57 -15.27
N MET C 295 12.90 30.05 -14.28
CA MET C 295 13.47 30.88 -13.22
C MET C 295 13.64 30.02 -12.01
N ASP C 296 14.86 29.51 -11.86
CA ASP C 296 15.28 28.77 -10.67
C ASP C 296 16.09 29.69 -9.76
N ASP C 297 15.42 30.31 -8.80
CA ASP C 297 16.06 31.15 -7.79
C ASP C 297 16.76 32.39 -8.39
N ARG C 298 17.93 32.19 -9.02
CA ARG C 298 18.73 33.31 -9.53
C ARG C 298 19.22 33.16 -10.97
N ARG C 299 19.06 31.96 -11.55
CA ARG C 299 19.57 31.69 -12.91
C ARG C 299 18.42 31.52 -13.91
N LEU C 300 18.19 32.56 -14.71
CA LEU C 300 17.22 32.53 -15.78
C LEU C 300 17.81 31.74 -16.95
N MET C 301 17.42 30.48 -17.06
CA MET C 301 17.89 29.63 -18.15
C MET C 301 16.94 29.76 -19.31
N TYR C 302 17.40 29.51 -20.52
CA TYR C 302 16.51 29.50 -21.67
C TYR C 302 16.86 28.41 -22.68
N PHE C 303 15.86 27.94 -23.44
CA PHE C 303 15.96 26.70 -24.20
C PHE C 303 15.20 26.76 -25.52
N LYS C 304 15.58 25.90 -26.47
CA LYS C 304 14.75 25.71 -27.66
C LYS C 304 13.48 24.96 -27.22
N ASP C 305 13.62 23.69 -26.85
CA ASP C 305 12.54 22.89 -26.27
C ASP C 305 12.57 22.96 -24.74
N PRO C 306 11.43 22.73 -24.07
CA PRO C 306 11.48 22.66 -22.61
C PRO C 306 12.17 21.39 -22.09
N LEU C 307 12.14 20.32 -22.88
CA LEU C 307 12.82 19.07 -22.55
C LEU C 307 14.30 18.99 -23.02
N ASP C 308 14.90 20.13 -23.35
CA ASP C 308 16.35 20.19 -23.61
C ASP C 308 17.18 19.71 -22.40
N ALA C 309 18.30 19.07 -22.70
CA ALA C 309 19.25 18.57 -21.71
C ALA C 309 20.06 19.69 -21.09
N PHE C 310 20.44 20.68 -21.90
CA PHE C 310 21.29 21.78 -21.41
C PHE C 310 20.74 23.13 -21.87
N ALA C 311 20.82 24.12 -20.98
CA ALA C 311 20.44 25.49 -21.33
C ALA C 311 21.14 25.89 -22.62
N ARG C 312 20.39 26.47 -23.55
CA ARG C 312 20.99 27.18 -24.69
C ARG C 312 21.84 28.34 -24.16
N GLY C 313 21.27 29.13 -23.25
CA GLY C 313 22.03 30.14 -22.52
C GLY C 313 21.52 30.26 -21.10
N GLU C 314 22.26 30.98 -20.26
CA GLU C 314 21.80 31.32 -18.93
C GLU C 314 21.93 32.82 -18.77
N VAL C 315 21.35 33.34 -17.70
CA VAL C 315 21.45 34.75 -17.37
C VAL C 315 21.43 34.90 -15.87
N PHE C 316 22.45 35.51 -15.31
CA PHE C 316 22.47 35.66 -13.87
C PHE C 316 21.71 36.92 -13.50
N ILE C 317 20.75 36.78 -12.58
CA ILE C 317 20.01 37.92 -12.04
C ILE C 317 20.49 38.19 -10.62
N GLY C 318 21.36 39.17 -10.47
CA GLY C 318 21.84 39.60 -9.16
C GLY C 318 20.85 40.51 -8.45
N SER C 319 21.36 41.61 -7.89
CA SER C 319 20.63 42.39 -6.93
C SER C 319 20.64 43.86 -7.28
N LYS C 320 19.70 44.61 -6.69
CA LYS C 320 19.67 46.08 -6.81
C LYS C 320 21.05 46.66 -6.49
N GLU C 321 21.66 46.09 -5.45
CA GLU C 321 22.95 46.49 -4.92
C GLU C 321 24.11 46.26 -5.90
N SER C 322 24.03 45.18 -6.68
CA SER C 322 25.09 44.84 -7.65
C SER C 322 24.82 45.36 -9.07
N GLY C 323 23.94 46.36 -9.19
CA GLY C 323 23.65 46.99 -10.48
C GLY C 323 22.79 46.13 -11.37
N TYR C 324 21.75 45.52 -10.79
CA TYR C 324 20.77 44.74 -11.53
C TYR C 324 19.38 45.36 -11.33
N THR C 325 18.71 45.69 -12.42
CA THR C 325 17.31 46.13 -12.37
C THR C 325 16.49 45.41 -13.44
N VAL C 326 15.23 45.15 -13.12
CA VAL C 326 14.25 44.66 -14.10
C VAL C 326 13.31 45.81 -14.41
N LEU C 327 12.97 45.99 -15.70
CA LEU C 327 12.13 47.11 -16.12
C LEU C 327 11.05 46.69 -17.13
N HIS C 328 9.95 47.44 -17.15
CA HIS C 328 8.87 47.22 -18.13
C HIS C 328 9.16 47.82 -19.48
N GLY C 329 8.44 47.35 -20.49
CA GLY C 329 8.55 47.87 -21.84
C GLY C 329 9.92 47.70 -22.46
N PHE C 330 10.02 48.00 -23.76
CA PHE C 330 11.30 47.96 -24.48
C PHE C 330 11.60 49.36 -25.08
N PRO C 331 12.90 49.71 -25.25
CA PRO C 331 13.22 51.04 -25.76
C PRO C 331 13.04 51.15 -27.28
N TRP C 339 6.39 40.85 -29.38
CA TRP C 339 5.23 40.65 -28.51
C TRP C 339 4.88 41.89 -27.64
N PRO C 340 3.60 41.99 -27.22
CA PRO C 340 3.05 43.20 -26.57
C PRO C 340 3.86 43.76 -25.40
N HIS C 341 3.93 43.04 -24.28
CA HIS C 341 4.43 43.62 -23.02
C HIS C 341 5.87 43.20 -22.76
N GLY C 342 6.73 44.18 -22.53
CA GLY C 342 8.17 43.94 -22.40
C GLY C 342 8.70 43.99 -20.97
N ILE C 343 9.76 43.21 -20.73
CA ILE C 343 10.49 43.21 -19.46
C ILE C 343 11.98 43.21 -19.80
N THR C 344 12.70 44.27 -19.41
CA THR C 344 14.15 44.39 -19.69
C THR C 344 14.96 44.21 -18.40
N ILE C 345 16.00 43.38 -18.44
CA ILE C 345 16.84 43.09 -17.26
C ILE C 345 18.21 43.77 -17.39
N VAL C 346 18.30 45.00 -16.87
CA VAL C 346 19.50 45.82 -16.95
C VAL C 346 20.60 45.31 -16.01
N THR C 347 21.69 44.82 -16.59
CA THR C 347 22.81 44.28 -15.82
C THR C 347 24.01 45.23 -15.99
N PRO C 348 25.10 45.04 -15.20
CA PRO C 348 26.35 45.84 -15.36
C PRO C 348 27.04 45.72 -16.73
N ASP C 349 27.13 44.49 -17.26
CA ASP C 349 27.69 44.25 -18.61
C ASP C 349 26.74 44.73 -19.74
N ARG C 350 25.61 44.05 -19.89
CA ARG C 350 24.67 44.29 -20.99
C ARG C 350 23.21 44.31 -20.52
N LYS C 351 22.30 44.65 -21.44
CA LYS C 351 20.87 44.68 -21.16
C LYS C 351 20.19 43.52 -21.90
N PHE C 352 19.21 42.89 -21.27
CA PHE C 352 18.45 41.80 -21.88
C PHE C 352 16.97 42.15 -22.02
N LEU C 353 16.53 42.26 -23.28
CA LEU C 353 15.13 42.59 -23.59
C LEU C 353 14.33 41.29 -23.76
N PHE C 354 13.20 41.20 -23.04
CA PHE C 354 12.27 40.07 -23.13
C PHE C 354 10.85 40.55 -23.42
N ALA C 355 10.14 39.81 -24.28
CA ALA C 355 8.76 40.14 -24.62
C ALA C 355 7.84 39.03 -24.15
N CYS C 356 6.79 39.38 -23.41
CA CYS C 356 5.74 38.44 -23.01
C CYS C 356 4.50 38.56 -23.89
N GLU C 357 3.73 37.48 -23.94
CA GLU C 357 2.47 37.46 -24.69
C GLU C 357 1.41 38.27 -23.96
N THR C 358 1.16 37.90 -22.70
CA THR C 358 0.07 38.47 -21.91
C THR C 358 0.58 39.37 -20.80
N GLU C 359 -0.31 40.22 -20.28
CA GLU C 359 -0.01 41.05 -19.10
C GLU C 359 0.01 40.18 -17.83
N SER C 360 -0.91 39.21 -17.73
CA SER C 360 -0.90 38.25 -16.62
C SER C 360 0.52 37.73 -16.41
N ASP C 361 1.16 37.29 -17.49
CA ASP C 361 2.52 36.76 -17.40
C ASP C 361 3.53 37.84 -17.05
N GLN C 362 3.62 38.89 -17.87
CA GLN C 362 4.53 40.00 -17.60
C GLN C 362 4.50 40.30 -16.10
N ARG C 363 3.28 40.47 -15.56
CA ARG C 363 3.11 40.68 -14.12
C ARG C 363 3.97 39.67 -13.34
N GLU C 364 3.75 38.38 -13.59
CA GLU C 364 4.43 37.30 -12.87
C GLU C 364 5.92 37.26 -13.10
N TRP C 365 6.32 37.10 -14.36
CA TRP C 365 7.75 37.05 -14.69
C TRP C 365 8.52 38.13 -13.97
N VAL C 366 7.99 39.35 -13.98
CA VAL C 366 8.63 40.49 -13.33
C VAL C 366 8.66 40.32 -11.80
N ALA C 367 7.57 39.81 -11.24
CA ALA C 367 7.49 39.58 -9.79
C ALA C 367 8.54 38.57 -9.34
N ALA C 368 8.71 37.51 -10.13
CA ALA C 368 9.73 36.48 -9.87
C ALA C 368 11.16 37.00 -10.03
N PHE C 369 11.39 37.98 -10.90
CA PHE C 369 12.70 38.61 -11.03
C PHE C 369 12.98 39.55 -9.86
N GLN C 370 11.97 40.32 -9.45
CA GLN C 370 12.16 41.31 -8.42
C GLN C 370 12.58 40.65 -7.10
N LYS C 371 12.09 39.44 -6.84
CA LYS C 371 12.52 38.66 -5.65
C LYS C 371 14.07 38.59 -5.57
N ALA C 372 14.71 38.43 -6.73
CA ALA C 372 16.18 38.36 -6.84
C ALA C 372 16.86 39.73 -6.65
N VAL C 373 16.36 40.75 -7.36
CA VAL C 373 16.91 42.11 -7.25
C VAL C 373 16.96 42.58 -5.80
N ASP C 374 15.91 42.26 -5.06
CA ASP C 374 15.75 42.76 -3.69
C ASP C 374 16.80 42.13 -2.79
N ARG C 375 16.74 40.80 -2.68
CA ARG C 375 17.60 40.00 -1.79
C ARG C 375 19.11 40.28 -1.95
N PRO C 376 19.84 40.38 -0.82
CA PRO C 376 21.31 40.35 -0.81
C PRO C 376 21.92 39.07 -1.41
N MET C 377 22.93 39.22 -2.26
CA MET C 377 23.65 38.07 -2.83
C MET C 377 24.49 37.32 -1.78
N LEU C 378 24.64 36.01 -1.95
CA LEU C 378 25.57 35.21 -1.14
C LEU C 378 26.90 35.06 -1.87
N PRO C 379 27.96 34.71 -1.13
CA PRO C 379 29.30 34.46 -1.71
C PRO C 379 29.33 33.49 -2.90
N GLN C 380 28.57 32.39 -2.82
CA GLN C 380 28.51 31.40 -3.91
C GLN C 380 27.85 32.02 -5.15
N GLU C 381 26.91 32.93 -4.91
CA GLU C 381 26.18 33.60 -5.99
C GLU C 381 27.09 34.62 -6.72
N TYR C 382 28.04 35.20 -5.99
CA TYR C 382 29.15 35.96 -6.59
C TYR C 382 30.03 35.08 -7.46
N ALA C 383 30.29 33.86 -7.01
CA ALA C 383 31.07 32.87 -7.77
C ALA C 383 30.36 32.45 -9.06
N VAL C 384 29.04 32.31 -8.97
CA VAL C 384 28.20 32.02 -10.14
C VAL C 384 28.15 33.23 -11.08
N GLU C 385 28.03 34.43 -10.51
CA GLU C 385 28.03 35.65 -11.30
C GLU C 385 29.36 35.84 -12.01
N ALA C 386 30.45 35.64 -11.27
CA ALA C 386 31.81 35.78 -11.82
C ALA C 386 32.01 34.98 -13.11
N HIS C 387 31.27 33.88 -13.24
CA HIS C 387 31.25 33.09 -14.47
C HIS C 387 30.48 33.80 -15.63
N PHE C 388 29.30 34.35 -15.32
CA PHE C 388 28.43 35.02 -16.31
C PHE C 388 28.45 36.55 -16.16
N ARG D 23 -25.19 -13.91 -25.18
CA ARG D 23 -24.15 -13.24 -24.35
C ARG D 23 -23.79 -14.08 -23.14
N ARG D 24 -24.79 -14.39 -22.30
CA ARG D 24 -24.59 -15.25 -21.11
C ARG D 24 -24.09 -16.66 -21.45
N ARG D 25 -24.24 -17.06 -22.72
CA ARG D 25 -23.75 -18.34 -23.20
C ARG D 25 -22.22 -18.35 -23.38
N ALA D 26 -21.69 -17.28 -23.99
CA ALA D 26 -20.25 -17.22 -24.34
C ALA D 26 -19.31 -17.07 -23.13
N VAL D 27 -19.82 -16.47 -22.04
CA VAL D 27 -19.07 -16.41 -20.78
C VAL D 27 -19.05 -17.81 -20.15
N LEU D 28 -20.23 -18.39 -19.94
CA LEU D 28 -20.35 -19.76 -19.41
C LEU D 28 -19.37 -20.70 -20.11
N GLU D 29 -19.23 -20.54 -21.43
CA GLU D 29 -18.26 -21.30 -22.20
C GLU D 29 -16.83 -21.07 -21.68
N LEU D 30 -16.45 -19.80 -21.52
CA LEU D 30 -15.06 -19.44 -21.14
C LEU D 30 -14.53 -20.12 -19.87
N LEU D 31 -15.40 -20.40 -18.89
CA LEU D 31 -14.99 -21.17 -17.71
C LEU D 31 -14.43 -22.56 -18.08
N GLN D 32 -14.53 -22.94 -19.37
CA GLN D 32 -14.01 -24.21 -19.89
C GLN D 32 -12.53 -24.16 -20.28
N ARG D 33 -12.08 -23.00 -20.81
CA ARG D 33 -10.70 -22.85 -21.35
C ARG D 33 -9.57 -23.27 -20.36
N PRO D 34 -8.34 -23.52 -20.88
CA PRO D 34 -7.20 -23.82 -20.00
C PRO D 34 -6.87 -22.68 -19.03
N GLY D 35 -6.63 -23.03 -17.76
CA GLY D 35 -6.29 -22.06 -16.74
C GLY D 35 -7.47 -21.80 -15.83
N ASN D 36 -8.64 -21.57 -16.43
CA ASN D 36 -9.85 -21.23 -15.68
C ASN D 36 -10.49 -22.44 -14.95
N ALA D 37 -9.80 -23.58 -15.01
CA ALA D 37 -10.06 -24.71 -14.13
C ALA D 37 -10.31 -24.28 -12.67
N ARG D 38 -9.35 -23.52 -12.12
CA ARG D 38 -9.31 -23.19 -10.68
C ARG D 38 -9.36 -21.66 -10.44
N CYS D 39 -9.82 -21.28 -9.24
CA CYS D 39 -9.84 -19.84 -8.82
C CYS D 39 -8.50 -19.20 -9.10
N ALA D 40 -8.54 -17.99 -9.65
CA ALA D 40 -7.31 -17.28 -9.99
C ALA D 40 -6.50 -16.92 -8.74
N ASP D 41 -7.13 -16.89 -7.57
CA ASP D 41 -6.46 -16.42 -6.36
C ASP D 41 -6.17 -17.52 -5.35
N CYS D 42 -7.22 -18.23 -4.90
CA CYS D 42 -7.05 -19.31 -3.90
C CYS D 42 -6.93 -20.70 -4.49
N GLY D 43 -7.15 -20.83 -5.79
CA GLY D 43 -7.05 -22.12 -6.48
C GLY D 43 -8.08 -23.17 -6.10
N ALA D 44 -9.31 -22.75 -5.79
CA ALA D 44 -10.42 -23.69 -5.57
C ALA D 44 -10.83 -24.31 -6.90
N PRO D 45 -11.47 -25.51 -6.86
CA PRO D 45 -11.93 -26.10 -8.11
C PRO D 45 -13.25 -25.45 -8.58
N ASP D 46 -13.34 -25.14 -9.87
CA ASP D 46 -14.56 -24.56 -10.46
C ASP D 46 -14.93 -23.23 -9.82
N PRO D 47 -14.21 -22.16 -10.18
CA PRO D 47 -14.63 -20.82 -9.78
C PRO D 47 -15.84 -20.39 -10.61
N ASP D 48 -16.78 -19.68 -10.00
CA ASP D 48 -18.03 -19.28 -10.68
C ASP D 48 -18.36 -17.77 -10.56
N TRP D 49 -17.31 -16.94 -10.46
CA TRP D 49 -17.43 -15.47 -10.42
C TRP D 49 -16.34 -14.85 -11.27
N ALA D 50 -16.35 -13.52 -11.41
CA ALA D 50 -15.35 -12.86 -12.25
C ALA D 50 -15.15 -11.39 -11.94
N SER D 51 -13.91 -11.02 -11.67
CA SER D 51 -13.55 -9.62 -11.68
C SER D 51 -13.40 -9.28 -13.14
N TYR D 52 -14.41 -8.60 -13.69
CA TYR D 52 -14.41 -8.26 -15.11
C TYR D 52 -13.56 -7.03 -15.44
N THR D 53 -12.98 -6.38 -14.44
CA THR D 53 -11.97 -5.35 -14.71
C THR D 53 -10.58 -5.99 -14.74
N LEU D 54 -10.33 -6.97 -13.86
CA LEU D 54 -9.04 -7.71 -13.85
C LEU D 54 -8.99 -8.87 -14.87
N GLY D 55 -10.16 -9.40 -15.23
CA GLY D 55 -10.25 -10.47 -16.20
C GLY D 55 -9.87 -11.82 -15.62
N VAL D 56 -10.25 -12.04 -14.36
CA VAL D 56 -9.92 -13.26 -13.67
C VAL D 56 -11.21 -14.00 -13.30
N PHE D 57 -11.10 -15.32 -13.15
CA PHE D 57 -12.21 -16.15 -12.68
C PHE D 57 -11.89 -16.63 -11.27
N ILE D 58 -12.81 -16.37 -10.34
CA ILE D 58 -12.57 -16.55 -8.90
C ILE D 58 -13.73 -17.18 -8.14
N CYS D 59 -13.42 -17.88 -7.06
CA CYS D 59 -14.42 -18.52 -6.20
C CYS D 59 -15.32 -17.47 -5.53
N LEU D 60 -16.25 -17.93 -4.69
CA LEU D 60 -17.18 -17.03 -4.03
C LEU D 60 -16.43 -16.25 -2.97
N SER D 61 -15.81 -16.97 -2.03
CA SER D 61 -15.03 -16.33 -0.96
C SER D 61 -14.11 -15.23 -1.49
N CYS D 62 -13.33 -15.54 -2.53
CA CYS D 62 -12.43 -14.54 -3.13
C CYS D 62 -13.18 -13.39 -3.82
N SER D 63 -14.36 -13.64 -4.35
CA SER D 63 -15.17 -12.56 -4.92
C SER D 63 -15.55 -11.57 -3.81
N GLY D 64 -15.85 -12.10 -2.64
CA GLY D 64 -16.15 -11.27 -1.48
C GLY D 64 -15.06 -10.24 -1.26
N ILE D 65 -13.81 -10.69 -1.41
CA ILE D 65 -12.64 -9.85 -1.19
C ILE D 65 -12.46 -8.81 -2.30
N HIS D 66 -12.59 -9.24 -3.55
CA HIS D 66 -12.53 -8.32 -4.71
C HIS D 66 -13.57 -7.20 -4.61
N ARG D 67 -14.66 -7.50 -3.92
CA ARG D 67 -15.73 -6.57 -3.69
C ARG D 67 -15.24 -5.37 -2.89
N ASN D 68 -14.27 -5.58 -2.01
CA ASN D 68 -13.72 -4.53 -1.15
C ASN D 68 -12.50 -3.82 -1.69
N ILE D 69 -12.02 -4.24 -2.87
CA ILE D 69 -10.99 -3.49 -3.58
C ILE D 69 -11.66 -2.97 -4.85
N PRO D 70 -12.81 -2.27 -4.70
CA PRO D 70 -13.64 -1.92 -5.84
C PRO D 70 -12.92 -1.11 -6.90
N GLN D 71 -12.16 -0.10 -6.51
CA GLN D 71 -11.50 0.78 -7.47
C GLN D 71 -10.50 0.02 -8.37
N VAL D 72 -10.14 -1.21 -7.98
CA VAL D 72 -9.29 -2.09 -8.80
C VAL D 72 -10.06 -3.28 -9.39
N SER D 73 -11.13 -3.72 -8.72
CA SER D 73 -11.88 -4.90 -9.20
C SER D 73 -13.39 -4.78 -8.99
N LYS D 74 -14.15 -4.98 -10.07
CA LYS D 74 -15.61 -5.09 -9.99
C LYS D 74 -16.01 -6.46 -10.47
N VAL D 75 -16.91 -7.08 -9.72
CA VAL D 75 -17.16 -8.50 -9.86
C VAL D 75 -18.62 -8.83 -10.20
N LYS D 76 -18.80 -9.78 -11.11
CA LYS D 76 -20.11 -10.27 -11.52
C LYS D 76 -20.12 -11.77 -11.40
N SER D 77 -21.31 -12.36 -11.28
CA SER D 77 -21.44 -13.81 -11.41
C SER D 77 -21.60 -14.15 -12.87
N VAL D 78 -20.98 -15.26 -13.29
CA VAL D 78 -21.14 -15.76 -14.66
C VAL D 78 -22.54 -16.36 -14.80
N ARG D 79 -22.92 -17.21 -13.84
CA ARG D 79 -24.14 -18.03 -13.94
C ARG D 79 -25.40 -17.39 -13.32
N LEU D 80 -25.34 -16.13 -12.88
CA LEU D 80 -26.50 -15.49 -12.24
C LEU D 80 -26.68 -13.98 -12.43
N ASP D 81 -25.78 -13.34 -13.19
CA ASP D 81 -25.88 -11.89 -13.46
C ASP D 81 -25.75 -11.64 -14.96
N ALA D 82 -26.25 -10.49 -15.41
CA ALA D 82 -26.27 -10.14 -16.84
C ALA D 82 -24.98 -9.47 -17.29
N TRP D 83 -24.54 -9.78 -18.51
CA TRP D 83 -23.25 -9.30 -19.05
C TRP D 83 -23.42 -8.34 -20.24
N GLU D 84 -22.30 -7.85 -20.76
CA GLU D 84 -22.28 -6.97 -21.95
C GLU D 84 -21.17 -7.43 -22.92
N GLU D 85 -21.30 -7.04 -24.19
CA GLU D 85 -20.35 -7.49 -25.22
C GLU D 85 -18.92 -7.18 -24.83
N ALA D 86 -18.69 -5.95 -24.37
CA ALA D 86 -17.35 -5.49 -23.97
C ALA D 86 -16.80 -6.28 -22.78
N GLN D 87 -17.69 -6.70 -21.88
CA GLN D 87 -17.31 -7.48 -20.71
C GLN D 87 -16.84 -8.87 -21.14
N VAL D 88 -17.69 -9.60 -21.85
CA VAL D 88 -17.34 -10.94 -22.33
C VAL D 88 -16.12 -10.95 -23.28
N GLU D 89 -15.86 -9.84 -23.97
CA GLU D 89 -14.70 -9.73 -24.87
C GLU D 89 -13.39 -9.47 -24.11
N PHE D 90 -13.47 -8.75 -22.98
CA PHE D 90 -12.34 -8.56 -22.07
C PHE D 90 -11.97 -9.90 -21.39
N MET D 91 -12.95 -10.55 -20.77
CA MET D 91 -12.74 -11.89 -20.21
C MET D 91 -12.09 -12.78 -21.25
N ALA D 92 -12.64 -12.76 -22.46
CA ALA D 92 -12.16 -13.58 -23.58
C ALA D 92 -10.70 -13.30 -23.90
N SER D 93 -10.30 -12.03 -23.86
CA SER D 93 -8.90 -11.64 -24.15
C SER D 93 -7.92 -11.88 -22.98
N HIS D 94 -8.44 -12.24 -21.80
CA HIS D 94 -7.64 -12.32 -20.57
C HIS D 94 -7.78 -13.70 -19.88
N GLY D 95 -8.24 -13.75 -18.62
CA GLY D 95 -8.39 -15.03 -17.91
C GLY D 95 -7.22 -15.35 -16.97
N ASN D 96 -7.41 -16.40 -16.16
CA ASN D 96 -6.46 -16.77 -15.09
C ASN D 96 -4.99 -16.94 -15.52
N ASP D 97 -4.74 -17.67 -16.61
CA ASP D 97 -3.37 -17.82 -17.14
C ASP D 97 -2.79 -16.47 -17.65
N ALA D 98 -3.61 -15.69 -18.33
CA ALA D 98 -3.20 -14.34 -18.74
C ALA D 98 -2.85 -13.52 -17.51
N ALA D 99 -3.74 -13.58 -16.51
CA ALA D 99 -3.55 -12.89 -15.24
C ALA D 99 -2.32 -13.40 -14.47
N ARG D 100 -2.08 -14.70 -14.48
CA ARG D 100 -0.89 -15.22 -13.83
C ARG D 100 0.40 -14.67 -14.46
N ALA D 101 0.37 -14.42 -15.76
CA ALA D 101 1.57 -13.94 -16.45
C ALA D 101 1.83 -12.48 -16.11
N ARG D 102 0.76 -11.74 -15.82
CA ARG D 102 0.88 -10.31 -15.54
C ARG D 102 1.16 -10.04 -14.08
N PHE D 103 0.29 -10.57 -13.22
CA PHE D 103 0.30 -10.26 -11.79
C PHE D 103 1.18 -11.17 -10.93
N GLU D 104 1.69 -12.27 -11.49
CA GLU D 104 2.57 -13.16 -10.74
C GLU D 104 3.89 -13.35 -11.44
N SER D 105 4.21 -12.45 -12.37
CA SER D 105 5.41 -12.62 -13.17
C SER D 105 6.65 -12.62 -12.29
N LYS D 106 6.62 -11.88 -11.19
CA LYS D 106 7.80 -11.74 -10.31
C LYS D 106 7.51 -12.04 -8.83
N VAL D 107 6.94 -13.21 -8.52
CA VAL D 107 6.65 -13.61 -7.13
C VAL D 107 7.83 -14.39 -6.54
N PRO D 108 8.50 -13.84 -5.50
CA PRO D 108 9.60 -14.61 -4.89
C PRO D 108 9.18 -16.00 -4.45
N SER D 109 10.07 -16.96 -4.62
CA SER D 109 9.75 -18.35 -4.35
C SER D 109 9.46 -18.59 -2.87
N PHE D 110 10.11 -17.85 -2.00
CA PHE D 110 9.83 -17.96 -0.58
C PHE D 110 8.46 -17.41 -0.22
N TYR D 111 7.84 -16.66 -1.12
CA TYR D 111 6.54 -16.05 -0.83
C TYR D 111 5.46 -17.09 -0.67
N TYR D 112 4.67 -16.93 0.37
CA TYR D 112 3.64 -17.87 0.70
C TYR D 112 2.38 -17.64 -0.13
N ARG D 113 1.97 -18.68 -0.86
CA ARG D 113 0.70 -18.66 -1.61
C ARG D 113 -0.43 -19.37 -0.84
N PRO D 114 -1.56 -18.66 -0.62
CA PRO D 114 -2.60 -19.17 0.25
C PRO D 114 -3.49 -20.23 -0.36
N THR D 115 -3.95 -21.14 0.50
CA THR D 115 -4.91 -22.16 0.12
C THR D 115 -6.28 -21.70 0.64
N PRO D 116 -7.39 -22.23 0.07
CA PRO D 116 -8.72 -21.81 0.52
C PRO D 116 -9.00 -22.00 2.03
N SER D 117 -8.29 -22.94 2.65
CA SER D 117 -8.40 -23.21 4.10
C SER D 117 -7.57 -22.26 4.98
N ASP D 118 -6.84 -21.32 4.37
CA ASP D 118 -6.06 -20.34 5.14
C ASP D 118 -6.97 -19.28 5.74
N CYS D 119 -6.40 -18.46 6.63
CA CYS D 119 -7.19 -17.45 7.33
C CYS D 119 -7.46 -16.31 6.37
N GLN D 120 -8.41 -15.47 6.75
CA GLN D 120 -8.90 -14.41 5.88
C GLN D 120 -7.78 -13.45 5.50
N LEU D 121 -6.91 -13.15 6.47
CA LEU D 121 -5.82 -12.18 6.26
C LEU D 121 -4.95 -12.58 5.09
N LEU D 122 -4.42 -13.80 5.15
CA LEU D 122 -3.55 -14.27 4.08
C LEU D 122 -4.25 -14.18 2.73
N ARG D 123 -5.52 -14.60 2.69
CA ARG D 123 -6.23 -14.65 1.43
C ARG D 123 -6.50 -13.26 0.88
N GLU D 124 -6.93 -12.34 1.73
CA GLU D 124 -7.12 -10.95 1.31
C GLU D 124 -5.80 -10.31 0.89
N GLN D 125 -4.82 -10.33 1.78
CA GLN D 125 -3.52 -9.71 1.48
C GLN D 125 -2.82 -10.28 0.23
N TRP D 126 -3.12 -11.52 -0.11
CA TRP D 126 -2.67 -12.11 -1.37
C TRP D 126 -3.34 -11.41 -2.57
N ILE D 127 -4.65 -11.20 -2.51
CA ILE D 127 -5.35 -10.51 -3.61
C ILE D 127 -4.85 -9.05 -3.77
N ARG D 128 -4.63 -8.36 -2.65
CA ARG D 128 -4.17 -6.96 -2.66
C ARG D 128 -2.73 -6.84 -3.15
N ALA D 129 -1.87 -7.71 -2.65
CA ALA D 129 -0.48 -7.68 -3.09
C ALA D 129 -0.44 -7.77 -4.60
N LYS D 130 -1.15 -8.78 -5.14
CA LYS D 130 -1.19 -9.06 -6.58
C LYS D 130 -1.75 -7.90 -7.35
N TYR D 131 -3.03 -7.58 -7.11
CA TYR D 131 -3.79 -6.66 -7.97
C TYR D 131 -3.76 -5.20 -7.53
N GLU D 132 -3.72 -4.93 -6.23
CA GLU D 132 -3.82 -3.56 -5.73
C GLU D 132 -2.47 -2.87 -5.65
N ARG D 133 -1.57 -3.44 -4.88
CA ARG D 133 -0.26 -2.87 -4.68
C ARG D 133 0.62 -3.23 -5.85
N GLN D 134 0.30 -4.34 -6.50
CA GLN D 134 1.03 -4.83 -7.67
C GLN D 134 2.48 -5.15 -7.34
N GLU D 135 2.66 -5.78 -6.17
CA GLU D 135 3.97 -6.09 -5.60
C GLU D 135 4.79 -6.99 -6.51
N PHE D 136 4.11 -7.84 -7.29
CA PHE D 136 4.79 -8.81 -8.13
C PHE D 136 4.85 -8.36 -9.60
N ILE D 137 4.60 -7.07 -9.81
CA ILE D 137 4.91 -6.39 -11.08
C ILE D 137 6.10 -5.43 -10.89
N TYR D 138 6.06 -4.67 -9.79
CA TYR D 138 7.10 -3.70 -9.43
C TYR D 138 7.95 -4.22 -8.24
N PRO D 139 9.12 -4.82 -8.55
CA PRO D 139 10.03 -5.44 -7.59
C PRO D 139 10.44 -4.56 -6.41
N GLU D 140 10.62 -3.27 -6.66
CA GLU D 140 10.80 -2.27 -5.62
C GLU D 140 9.95 -2.57 -4.40
N LYS D 141 8.69 -2.93 -4.67
CA LYS D 141 7.68 -3.12 -3.63
C LYS D 141 7.94 -4.32 -2.77
N GLN D 142 8.86 -5.17 -3.18
CA GLN D 142 9.18 -6.37 -2.39
C GLN D 142 10.30 -6.14 -1.39
N GLU D 143 10.77 -4.90 -1.27
CA GLU D 143 11.88 -4.55 -0.39
C GLU D 143 11.72 -5.02 1.05
N PRO D 144 10.52 -4.83 1.62
CA PRO D 144 10.33 -5.03 3.08
C PRO D 144 10.77 -6.39 3.61
N TYR D 145 10.39 -7.45 2.90
CA TYR D 145 10.63 -8.83 3.31
C TYR D 145 11.75 -9.52 2.49
N SER D 146 12.39 -8.77 1.61
CA SER D 146 13.45 -9.31 0.77
C SER D 146 14.80 -8.72 1.10
N ALA D 147 14.91 -7.96 2.19
CA ALA D 147 16.19 -7.27 2.51
C ALA D 147 17.07 -8.05 3.48
N GLY D 148 16.66 -9.26 3.85
CA GLY D 148 17.41 -10.05 4.85
C GLY D 148 17.41 -9.47 6.27
N TYR D 149 16.73 -8.34 6.45
CA TYR D 149 16.66 -7.68 7.73
C TYR D 149 15.27 -7.08 7.83
N ARG D 150 14.78 -6.94 9.07
CA ARG D 150 13.51 -6.27 9.32
C ARG D 150 13.36 -6.01 10.80
N GLU D 151 13.07 -4.75 11.17
CA GLU D 151 12.77 -4.43 12.56
C GLU D 151 11.44 -3.72 12.70
N GLY D 152 10.91 -3.72 13.90
CA GLY D 152 9.61 -3.16 14.14
C GLY D 152 9.03 -3.63 15.44
N PHE D 153 8.09 -2.86 15.95
CA PHE D 153 7.37 -3.24 17.14
C PHE D 153 6.22 -4.17 16.76
N LEU D 154 6.08 -5.22 17.56
CA LEU D 154 5.01 -6.17 17.43
C LEU D 154 4.44 -6.39 18.81
N TRP D 155 3.14 -6.67 18.86
CA TRP D 155 2.43 -6.86 20.11
C TRP D 155 2.62 -8.27 20.52
N LYS D 156 3.34 -8.50 21.62
CA LYS D 156 3.65 -9.86 22.08
C LYS D 156 2.90 -10.24 23.37
N ARG D 157 2.32 -11.44 23.38
CA ARG D 157 1.65 -11.96 24.58
C ARG D 157 2.69 -12.40 25.58
N GLY D 158 2.45 -12.02 26.83
CA GLY D 158 3.35 -12.33 27.93
C GLY D 158 3.39 -13.82 28.13
N ARG D 159 4.57 -14.33 28.39
CA ARG D 159 4.76 -15.75 28.65
C ARG D 159 3.74 -16.21 29.70
N ASP D 160 3.72 -15.50 30.82
CA ASP D 160 2.94 -15.87 32.00
C ASP D 160 1.55 -15.20 32.00
N ASN D 161 1.53 -13.87 31.93
CA ASN D 161 0.30 -13.08 32.19
C ASN D 161 -0.77 -13.10 31.11
N GLY D 162 -0.39 -13.30 29.86
CA GLY D 162 -1.39 -13.38 28.78
C GLY D 162 -1.87 -12.04 28.27
N GLN D 163 -1.15 -10.98 28.62
CA GLN D 163 -1.37 -9.63 28.09
C GLN D 163 -0.49 -9.44 26.88
N PHE D 164 -0.95 -8.65 25.91
CA PHE D 164 -0.18 -8.33 24.72
C PHE D 164 0.43 -6.92 24.83
N LEU D 165 1.76 -6.86 24.90
CA LEU D 165 2.48 -5.59 24.99
C LEU D 165 3.45 -5.40 23.81
N SER D 166 3.65 -4.14 23.41
CA SER D 166 4.45 -3.81 22.25
C SER D 166 5.92 -4.02 22.58
N ARG D 167 6.64 -4.73 21.71
CA ARG D 167 8.08 -5.01 21.90
C ARG D 167 8.81 -4.83 20.57
N LYS D 168 10.07 -4.43 20.63
CA LYS D 168 10.88 -4.31 19.44
C LYS D 168 11.34 -5.69 18.99
N PHE D 169 11.07 -6.03 17.73
CA PHE D 169 11.55 -7.29 17.13
C PHE D 169 12.58 -7.02 16.06
N VAL D 170 13.58 -7.90 15.93
CA VAL D 170 14.56 -7.84 14.83
C VAL D 170 14.80 -9.21 14.19
N LEU D 171 14.51 -9.32 12.90
CA LEU D 171 14.84 -10.50 12.13
C LEU D 171 16.12 -10.17 11.42
N THR D 172 17.15 -10.98 11.67
CA THR D 172 18.47 -10.71 11.12
C THR D 172 19.11 -11.97 10.56
N GLU D 173 19.25 -12.01 9.24
CA GLU D 173 19.83 -13.17 8.58
C GLU D 173 21.33 -13.25 8.84
N ARG D 174 21.99 -12.09 9.02
CA ARG D 174 23.44 -12.09 9.33
C ARG D 174 23.74 -12.96 10.54
N GLU D 175 22.95 -12.80 11.60
CA GLU D 175 23.08 -13.61 12.81
C GLU D 175 22.12 -14.79 12.79
N GLY D 176 21.43 -15.00 11.66
CA GLY D 176 20.45 -16.08 11.52
C GLY D 176 19.50 -16.23 12.68
N ALA D 177 18.74 -15.18 12.99
CA ALA D 177 17.84 -15.18 14.15
C ALA D 177 16.73 -14.12 14.11
N LEU D 178 15.60 -14.42 14.74
CA LEU D 178 14.61 -13.40 15.17
C LEU D 178 14.85 -13.08 16.64
N LYS D 179 14.97 -11.80 16.99
CA LYS D 179 15.09 -11.43 18.41
C LYS D 179 14.04 -10.42 18.83
N TYR D 180 13.78 -10.38 20.14
CA TYR D 180 12.88 -9.38 20.71
C TYR D 180 13.46 -8.83 22.02
N PHE D 181 13.04 -7.64 22.41
CA PHE D 181 13.67 -6.92 23.52
C PHE D 181 12.69 -6.50 24.61
N ASN D 182 13.23 -6.24 25.81
CA ASN D 182 12.46 -5.70 26.94
C ASN D 182 12.22 -4.21 26.74
N ARG D 183 11.56 -3.56 27.69
CA ARG D 183 11.45 -2.08 27.67
C ARG D 183 12.71 -1.40 28.29
N GLU D 188 20.52 -5.74 23.87
CA GLU D 188 20.25 -6.38 25.15
C GLU D 188 18.94 -7.25 25.08
N PRO D 189 18.94 -8.33 24.25
CA PRO D 189 17.66 -8.95 23.84
C PRO D 189 17.04 -9.90 24.84
N LYS D 190 15.72 -9.85 24.97
CA LYS D 190 15.03 -10.78 25.85
C LYS D 190 15.25 -12.24 25.41
N ALA D 191 15.22 -12.49 24.09
CA ALA D 191 15.32 -13.85 23.54
C ALA D 191 15.86 -13.81 22.12
N VAL D 192 16.84 -14.65 21.82
CA VAL D 192 17.36 -14.81 20.47
C VAL D 192 16.85 -16.15 19.87
N MET D 193 15.91 -16.07 18.95
CA MET D 193 15.27 -17.26 18.37
C MET D 193 16.01 -17.70 17.11
N LYS D 194 16.82 -18.74 17.23
CA LYS D 194 17.61 -19.23 16.11
C LYS D 194 16.69 -19.69 14.98
N ILE D 195 17.06 -19.29 13.77
CA ILE D 195 16.26 -19.50 12.59
C ILE D 195 16.19 -20.98 12.20
N GLU D 196 17.24 -21.72 12.51
CA GLU D 196 17.37 -23.10 12.04
C GLU D 196 16.25 -24.03 12.46
N HIS D 197 15.50 -23.69 13.50
CA HIS D 197 14.32 -24.48 13.84
C HIS D 197 13.09 -23.64 14.11
N LEU D 198 13.04 -22.46 13.49
CA LEU D 198 11.90 -21.57 13.65
C LEU D 198 10.81 -21.90 12.64
N ASN D 199 9.57 -21.98 13.13
CA ASN D 199 8.38 -22.09 12.26
C ASN D 199 7.44 -20.95 12.57
N ALA D 200 6.71 -20.50 11.56
CA ALA D 200 5.70 -19.45 11.73
C ALA D 200 4.41 -19.94 11.14
N THR D 201 3.30 -19.66 11.81
CA THR D 201 1.99 -20.05 11.27
C THR D 201 0.87 -19.22 11.89
N PHE D 202 0.09 -18.57 11.06
CA PHE D 202 -0.97 -17.73 11.55
C PHE D 202 -1.97 -18.54 12.35
N GLN D 203 -2.34 -18.03 13.53
CA GLN D 203 -3.33 -18.69 14.40
C GLN D 203 -4.40 -17.72 14.90
N PRO D 204 -5.12 -17.09 13.99
CA PRO D 204 -6.11 -16.12 14.36
C PRO D 204 -7.06 -16.62 15.43
N ALA D 205 -7.67 -17.79 15.20
CA ALA D 205 -8.68 -18.35 16.10
C ALA D 205 -8.12 -18.61 17.47
N LYS D 206 -6.97 -19.26 17.53
CA LYS D 206 -6.33 -19.60 18.81
C LYS D 206 -5.84 -18.39 19.56
N ILE D 207 -5.41 -17.37 18.81
CA ILE D 207 -4.83 -16.15 19.39
C ILE D 207 -5.90 -15.08 19.69
N GLY D 208 -6.94 -15.01 18.87
CA GLY D 208 -8.06 -14.11 19.14
C GLY D 208 -8.05 -12.87 18.28
N HIS D 209 -6.96 -12.71 17.52
CA HIS D 209 -6.73 -11.53 16.73
C HIS D 209 -6.65 -11.97 15.30
N PRO D 210 -7.34 -11.29 14.39
CA PRO D 210 -7.25 -11.65 12.97
C PRO D 210 -5.84 -11.58 12.36
N HIS D 211 -4.90 -10.93 13.06
CA HIS D 211 -3.51 -10.75 12.59
C HIS D 211 -2.56 -11.53 13.51
N GLY D 212 -3.12 -12.44 14.32
CA GLY D 212 -2.34 -13.24 15.28
C GLY D 212 -1.45 -14.28 14.62
N LEU D 213 -0.15 -14.21 14.93
CA LEU D 213 0.84 -15.09 14.34
C LEU D 213 1.57 -15.91 15.40
N GLN D 214 1.64 -17.21 15.22
CA GLN D 214 2.35 -18.07 16.16
C GLN D 214 3.72 -18.36 15.59
N VAL D 215 4.75 -18.11 16.39
CA VAL D 215 6.13 -18.37 16.02
C VAL D 215 6.74 -19.31 17.03
N THR D 216 7.12 -20.50 16.60
CA THR D 216 7.81 -21.45 17.48
C THR D 216 9.29 -21.40 17.20
N TYR D 217 10.06 -21.87 18.16
CA TYR D 217 11.50 -22.06 18.00
C TYR D 217 11.97 -23.02 19.09
N LEU D 218 13.23 -23.44 19.02
CA LEU D 218 13.77 -24.43 19.95
C LEU D 218 14.73 -23.77 20.95
N LYS D 219 14.46 -23.93 22.25
CA LYS D 219 15.41 -23.51 23.29
C LYS D 219 15.78 -24.72 24.13
N ASP D 220 17.10 -24.97 24.26
CA ASP D 220 17.64 -26.13 24.97
C ASP D 220 16.97 -27.43 24.48
N ASN D 221 16.91 -27.61 23.16
CA ASN D 221 16.35 -28.83 22.55
C ASN D 221 14.82 -29.00 22.68
N SER D 222 14.18 -28.19 23.53
CA SER D 222 12.70 -28.14 23.65
C SER D 222 12.10 -26.94 22.85
N THR D 223 10.81 -27.03 22.54
CA THR D 223 10.15 -26.08 21.64
C THR D 223 9.33 -25.03 22.38
N ARG D 224 9.60 -23.74 22.08
CA ARG D 224 8.95 -22.62 22.75
C ARG D 224 7.96 -21.89 21.83
N ASN D 225 6.84 -21.48 22.39
CA ASN D 225 5.84 -20.68 21.66
C ASN D 225 5.95 -19.16 21.90
N ILE D 226 5.84 -18.36 20.84
CA ILE D 226 5.66 -16.89 20.94
C ILE D 226 4.38 -16.50 20.14
N PHE D 227 3.51 -15.73 20.76
CA PHE D 227 2.27 -15.31 20.11
C PHE D 227 2.25 -13.80 19.92
N ILE D 228 2.15 -13.37 18.67
CA ILE D 228 2.28 -11.97 18.34
C ILE D 228 1.26 -11.53 17.30
N TYR D 229 1.10 -10.22 17.14
CA TYR D 229 0.28 -9.65 16.06
C TYR D 229 0.72 -8.23 15.76
N HIS D 230 0.38 -7.78 14.56
CA HIS D 230 0.52 -6.38 14.15
C HIS D 230 -0.89 -5.78 13.95
N GLU D 231 -1.04 -4.49 14.19
CA GLU D 231 -2.33 -3.80 13.95
C GLU D 231 -2.69 -3.79 12.48
N ASP D 232 -1.72 -3.48 11.64
CA ASP D 232 -1.88 -3.50 10.18
C ASP D 232 -1.47 -4.86 9.58
N GLY D 233 -2.40 -5.47 8.87
CA GLY D 233 -2.22 -6.79 8.32
C GLY D 233 -1.10 -6.94 7.32
N LYS D 234 -1.02 -6.06 6.33
CA LYS D 234 0.10 -6.12 5.41
C LYS D 234 1.40 -6.28 6.23
N GLU D 235 1.61 -5.41 7.21
CA GLU D 235 2.84 -5.44 7.97
C GLU D 235 3.10 -6.80 8.60
N ILE D 236 2.05 -7.42 9.15
CA ILE D 236 2.19 -8.73 9.78
C ILE D 236 2.50 -9.79 8.72
N VAL D 237 1.90 -9.66 7.54
CA VAL D 237 2.14 -10.60 6.48
C VAL D 237 3.55 -10.39 5.93
N ASP D 238 4.01 -9.16 5.89
CA ASP D 238 5.39 -8.89 5.46
C ASP D 238 6.38 -9.54 6.45
N TRP D 239 6.09 -9.45 7.75
CA TRP D 239 6.90 -10.14 8.75
C TRP D 239 6.96 -11.62 8.44
N PHE D 240 5.77 -12.19 8.24
CA PHE D 240 5.62 -13.59 7.95
C PHE D 240 6.52 -14.05 6.78
N ASN D 241 6.42 -13.36 5.65
CA ASN D 241 7.17 -13.76 4.47
C ASN D 241 8.65 -13.41 4.55
N ALA D 242 9.02 -12.40 5.35
CA ALA D 242 10.43 -12.13 5.62
C ALA D 242 11.06 -13.28 6.45
N LEU D 243 10.25 -13.92 7.30
CA LEU D 243 10.66 -15.11 8.04
C LEU D 243 10.84 -16.29 7.05
N ARG D 244 9.86 -16.47 6.19
CA ARG D 244 9.98 -17.47 5.13
C ARG D 244 11.20 -17.19 4.28
N ALA D 245 11.47 -15.92 4.01
CA ALA D 245 12.67 -15.52 3.29
C ALA D 245 13.96 -15.93 4.02
N ALA D 246 13.93 -15.85 5.35
CA ALA D 246 15.10 -16.12 6.18
C ALA D 246 15.35 -17.61 6.26
N ARG D 247 14.29 -18.34 6.60
CA ARG D 247 14.29 -19.78 6.55
C ARG D 247 14.88 -20.24 5.25
N PHE D 248 14.34 -19.74 4.15
CA PHE D 248 14.82 -20.10 2.81
C PHE D 248 16.32 -19.91 2.62
N HIS D 249 16.82 -18.74 2.97
CA HIS D 249 18.23 -18.43 2.83
C HIS D 249 19.08 -19.28 3.79
N TYR D 250 18.59 -19.53 4.99
CA TYR D 250 19.29 -20.42 5.91
C TYR D 250 19.42 -21.81 5.30
N LEU D 251 18.32 -22.35 4.78
CA LEU D 251 18.31 -23.71 4.22
C LEU D 251 19.17 -23.82 2.95
N GLN D 252 19.36 -22.73 2.22
CA GLN D 252 20.24 -22.80 1.08
C GLN D 252 21.69 -23.08 1.51
N VAL D 253 22.04 -22.70 2.73
CA VAL D 253 23.42 -22.78 3.19
C VAL D 253 23.65 -24.08 3.95
N ALA D 254 22.71 -24.44 4.80
CA ALA D 254 22.75 -25.73 5.49
C ALA D 254 22.57 -26.95 4.55
N PHE D 255 21.88 -26.75 3.41
CA PHE D 255 21.67 -27.80 2.42
C PHE D 255 22.12 -27.36 1.02
N PRO D 256 23.45 -27.25 0.80
CA PRO D 256 23.91 -26.90 -0.56
C PRO D 256 23.59 -28.01 -1.57
N GLY D 257 23.43 -27.62 -2.83
CA GLY D 257 23.06 -28.57 -3.88
C GLY D 257 21.55 -28.80 -3.94
N ALA D 258 20.92 -28.96 -2.77
CA ALA D 258 19.45 -28.98 -2.64
C ALA D 258 18.81 -27.86 -3.48
N SER D 259 17.59 -28.14 -3.95
CA SER D 259 16.92 -27.24 -4.89
C SER D 259 15.96 -26.29 -4.19
N ASP D 260 15.46 -25.32 -4.94
CA ASP D 260 14.44 -24.39 -4.46
C ASP D 260 13.06 -25.09 -4.43
N ALA D 261 12.91 -26.14 -5.23
CA ALA D 261 11.74 -27.02 -5.14
C ALA D 261 11.74 -27.86 -3.83
N ASP D 262 12.92 -28.18 -3.30
CA ASP D 262 13.06 -29.02 -2.08
C ASP D 262 12.87 -28.25 -0.77
N LEU D 263 13.30 -26.99 -0.75
CA LEU D 263 13.29 -26.16 0.47
C LEU D 263 11.94 -25.49 0.73
N VAL D 264 11.31 -24.96 -0.33
CA VAL D 264 10.06 -24.19 -0.21
C VAL D 264 8.98 -24.83 0.70
N PRO D 265 8.79 -26.15 0.58
CA PRO D 265 7.85 -26.84 1.48
C PRO D 265 8.31 -26.90 2.96
N LYS D 266 9.62 -26.76 3.18
CA LYS D 266 10.22 -26.78 4.52
C LYS D 266 10.26 -25.41 5.18
N LEU D 267 9.82 -24.36 4.47
CA LEU D 267 10.08 -23.00 4.97
C LEU D 267 9.31 -22.68 6.24
N SER D 268 7.98 -22.80 6.17
CA SER D 268 7.14 -22.72 7.35
C SER D 268 5.99 -23.69 7.14
N ARG D 269 5.38 -24.10 8.25
CA ARG D 269 4.37 -25.16 8.23
C ARG D 269 3.18 -24.82 9.07
N ASN D 270 2.01 -24.98 8.48
CA ASN D 270 0.79 -24.91 9.22
C ASN D 270 0.49 -26.27 9.87
N TYR D 271 -0.34 -26.24 10.91
CA TYR D 271 -0.67 -27.47 11.62
C TYR D 271 -1.79 -28.21 10.92
N LEU D 272 -1.70 -29.53 10.94
CA LEU D 272 -2.69 -30.42 10.35
C LEU D 272 -3.98 -30.40 11.17
N LYS D 273 -3.85 -30.33 12.50
CA LYS D 273 -4.99 -30.22 13.39
C LYS D 273 -4.54 -29.90 14.81
N GLU D 274 -5.36 -29.16 15.54
CA GLU D 274 -5.19 -28.94 16.95
C GLU D 274 -6.50 -29.17 17.68
N GLY D 275 -6.49 -29.12 19.00
CA GLY D 275 -7.70 -29.38 19.75
C GLY D 275 -7.43 -30.20 20.99
N TYR D 276 -8.41 -30.22 21.89
CA TYR D 276 -8.31 -30.97 23.13
C TYR D 276 -8.56 -32.47 22.93
N MET D 277 -7.74 -33.28 23.59
CA MET D 277 -7.91 -34.73 23.73
C MET D 277 -7.47 -35.13 25.13
N GLU D 278 -7.80 -36.36 25.52
CA GLU D 278 -7.44 -36.88 26.82
C GLU D 278 -6.35 -37.89 26.62
N LYS D 279 -5.23 -37.72 27.34
CA LYS D 279 -4.10 -38.62 27.25
C LYS D 279 -3.89 -39.34 28.56
N THR D 280 -2.98 -40.32 28.55
CA THR D 280 -2.61 -41.02 29.76
C THR D 280 -1.18 -41.48 29.69
N GLY D 281 -0.56 -41.64 30.86
CA GLY D 281 0.80 -42.21 30.96
C GLY D 281 0.83 -43.68 30.53
N PRO D 282 1.98 -44.35 30.68
CA PRO D 282 2.11 -45.74 30.16
C PRO D 282 1.62 -46.81 31.17
N PHE D 288 -6.05 -40.71 32.97
CA PHE D 288 -6.56 -39.84 31.91
C PHE D 288 -6.75 -38.36 32.32
N ARG D 289 -5.96 -37.48 31.67
CA ARG D 289 -5.96 -36.04 31.91
C ARG D 289 -6.17 -35.32 30.58
N LYS D 290 -6.83 -34.17 30.63
CA LYS D 290 -7.22 -33.40 29.43
C LYS D 290 -6.10 -32.47 28.97
N ARG D 291 -5.85 -32.44 27.66
CA ARG D 291 -4.71 -31.68 27.11
C ARG D 291 -4.99 -31.13 25.71
N TRP D 292 -4.39 -29.99 25.39
CA TRP D 292 -4.52 -29.39 24.07
C TRP D 292 -3.40 -29.92 23.18
N PHE D 293 -3.76 -30.42 22.01
CA PHE D 293 -2.82 -31.12 21.13
C PHE D 293 -2.63 -30.37 19.83
N THR D 294 -1.39 -30.34 19.34
CA THR D 294 -1.04 -29.75 18.05
C THR D 294 -0.24 -30.74 17.22
N MET D 295 -0.76 -31.07 16.05
CA MET D 295 -0.11 -31.97 15.12
C MET D 295 0.72 -31.14 14.15
N ASP D 296 2.03 -31.07 14.38
CA ASP D 296 2.93 -30.28 13.51
C ASP D 296 3.73 -31.20 12.63
N ASP D 297 3.27 -31.43 11.40
CA ASP D 297 3.95 -32.34 10.47
C ASP D 297 3.98 -33.75 11.09
N ARG D 298 5.11 -34.14 11.71
CA ARG D 298 5.23 -35.44 12.39
C ARG D 298 5.39 -35.31 13.92
N ARG D 299 5.38 -34.09 14.44
CA ARG D 299 5.46 -33.88 15.86
C ARG D 299 4.07 -33.67 16.40
N LEU D 300 3.57 -34.60 17.20
CA LEU D 300 2.33 -34.36 17.92
C LEU D 300 2.71 -33.80 19.27
N MET D 301 2.36 -32.55 19.53
CA MET D 301 2.79 -31.89 20.74
C MET D 301 1.61 -31.64 21.65
N TYR D 302 1.85 -31.58 22.97
CA TYR D 302 0.74 -31.37 23.89
C TYR D 302 1.00 -30.42 25.04
N PHE D 303 -0.10 -29.80 25.47
CA PHE D 303 -0.08 -28.67 26.38
C PHE D 303 -1.26 -28.73 27.34
N LYS D 304 -1.04 -28.17 28.53
CA LYS D 304 -2.14 -27.92 29.46
C LYS D 304 -3.16 -27.04 28.72
N ASP D 305 -2.65 -26.04 28.01
CA ASP D 305 -3.49 -24.98 27.44
C ASP D 305 -2.91 -24.42 26.13
N PRO D 306 -3.76 -24.00 25.17
CA PRO D 306 -3.31 -23.66 23.81
C PRO D 306 -2.29 -22.53 23.65
N LEU D 307 -2.24 -21.58 24.58
CA LEU D 307 -1.34 -20.42 24.48
C LEU D 307 -0.11 -20.54 25.40
N ASP D 308 0.09 -21.72 25.98
CA ASP D 308 1.26 -22.01 26.81
C ASP D 308 2.54 -21.67 26.07
N ALA D 309 3.58 -21.37 26.83
CA ALA D 309 4.88 -21.13 26.28
C ALA D 309 5.54 -22.41 25.81
N PHE D 310 5.40 -23.50 26.58
CA PHE D 310 6.21 -24.73 26.40
C PHE D 310 5.33 -25.99 26.34
N ALA D 311 5.72 -26.94 25.50
CA ALA D 311 5.03 -28.24 25.39
C ALA D 311 5.32 -29.14 26.59
N ARG D 312 4.27 -29.67 27.21
CA ARG D 312 4.46 -30.64 28.31
C ARG D 312 5.11 -31.94 27.81
N GLY D 313 4.73 -32.38 26.62
CA GLY D 313 5.45 -33.45 25.96
C GLY D 313 5.23 -33.42 24.47
N GLU D 314 5.77 -34.42 23.80
CA GLU D 314 5.70 -34.51 22.34
C GLU D 314 5.87 -35.97 21.92
N VAL D 315 5.21 -36.34 20.83
CA VAL D 315 5.18 -37.72 20.32
C VAL D 315 5.46 -37.74 18.83
N PHE D 316 6.57 -38.38 18.45
CA PHE D 316 6.91 -38.46 17.05
C PHE D 316 6.00 -39.47 16.34
N ILE D 317 5.65 -39.19 15.08
CA ILE D 317 4.84 -40.10 14.27
C ILE D 317 5.43 -40.26 12.88
N GLY D 318 6.05 -41.39 12.64
CA GLY D 318 6.69 -41.66 11.36
C GLY D 318 5.75 -42.28 10.38
N SER D 319 6.31 -42.87 9.32
CA SER D 319 5.57 -43.47 8.24
C SER D 319 5.19 -44.87 8.58
N LYS D 320 4.12 -45.38 7.95
CA LYS D 320 3.74 -46.80 8.06
C LYS D 320 4.96 -47.69 7.89
N GLU D 321 5.77 -47.39 6.86
CA GLU D 321 6.95 -48.19 6.53
C GLU D 321 7.98 -48.29 7.67
N SER D 322 7.86 -47.43 8.68
CA SER D 322 8.79 -47.46 9.80
C SER D 322 8.15 -47.97 11.08
N GLY D 323 6.92 -48.47 11.00
CA GLY D 323 6.29 -49.15 12.14
C GLY D 323 5.14 -48.39 12.77
N TYR D 324 4.90 -47.17 12.31
CA TYR D 324 3.84 -46.33 12.88
C TYR D 324 2.49 -46.67 12.25
N THR D 325 1.43 -46.72 13.07
CA THR D 325 0.08 -46.99 12.59
C THR D 325 -0.98 -46.48 13.58
N VAL D 326 -2.12 -46.06 13.06
CA VAL D 326 -3.21 -45.53 13.89
C VAL D 326 -4.25 -46.60 14.08
N LEU D 327 -4.90 -46.64 15.24
CA LEU D 327 -5.96 -47.60 15.48
C LEU D 327 -7.14 -46.97 16.22
N HIS D 328 -8.36 -47.44 15.91
CA HIS D 328 -9.60 -46.97 16.58
C HIS D 328 -9.88 -47.72 17.87
N GLY D 329 -10.48 -47.03 18.83
CA GLY D 329 -10.84 -47.65 20.10
C GLY D 329 -9.64 -47.76 21.01
N PHE D 330 -9.82 -48.40 22.17
CA PHE D 330 -8.75 -48.58 23.14
C PHE D 330 -8.47 -50.08 23.40
N PRO D 331 -7.22 -50.43 23.78
CA PRO D 331 -6.92 -51.80 24.21
C PRO D 331 -7.81 -52.31 25.37
N PRO D 332 -7.91 -53.65 25.54
CA PRO D 332 -8.78 -54.20 26.59
C PRO D 332 -8.29 -53.93 28.00
N SER D 333 -6.97 -53.93 28.20
CA SER D 333 -6.38 -53.65 29.52
C SER D 333 -6.59 -52.19 30.00
N THR D 334 -7.55 -51.47 29.43
CA THR D 334 -7.65 -50.01 29.58
C THR D 334 -8.59 -49.59 30.72
N GLN D 335 -7.98 -49.21 31.86
CA GLN D 335 -8.72 -48.77 33.05
C GLN D 335 -8.82 -47.24 33.10
N GLY D 336 -9.76 -46.75 33.91
CA GLY D 336 -9.96 -45.31 34.13
C GLY D 336 -11.21 -44.77 33.48
N HIS D 337 -11.77 -43.71 34.07
CA HIS D 337 -12.87 -42.98 33.45
C HIS D 337 -12.29 -42.01 32.41
N HIS D 338 -12.80 -42.08 31.18
CA HIS D 338 -12.24 -41.31 30.06
C HIS D 338 -13.33 -41.01 29.03
N TRP D 339 -12.96 -40.25 27.99
CA TRP D 339 -13.91 -39.88 26.95
C TRP D 339 -14.23 -41.06 26.03
N PRO D 340 -15.45 -41.09 25.48
CA PRO D 340 -15.98 -42.22 24.71
C PRO D 340 -15.06 -42.80 23.67
N HIS D 341 -14.45 -41.93 22.83
CA HIS D 341 -13.78 -42.36 21.58
C HIS D 341 -12.26 -42.41 21.64
N GLY D 342 -11.70 -43.62 21.54
CA GLY D 342 -10.26 -43.84 21.62
C GLY D 342 -9.57 -43.81 20.27
N ILE D 343 -8.31 -43.35 20.30
CA ILE D 343 -7.39 -43.52 19.18
C ILE D 343 -6.11 -44.09 19.77
N THR D 344 -5.54 -45.07 19.08
CA THR D 344 -4.27 -45.63 19.47
C THR D 344 -3.20 -45.35 18.41
N ILE D 345 -2.07 -44.83 18.86
CA ILE D 345 -0.92 -44.75 18.00
C ILE D 345 0.05 -45.83 18.46
N VAL D 346 0.43 -46.67 17.52
CA VAL D 346 1.37 -47.73 17.76
C VAL D 346 2.70 -47.36 17.11
N THR D 347 3.71 -47.14 17.95
CA THR D 347 5.05 -46.85 17.48
C THR D 347 5.94 -48.05 17.72
N PRO D 348 7.11 -48.08 17.09
CA PRO D 348 8.08 -49.11 17.37
C PRO D 348 8.49 -49.16 18.82
N ASP D 349 8.27 -48.10 19.57
CA ASP D 349 8.71 -48.04 20.96
C ASP D 349 7.62 -48.40 21.96
N ARG D 350 6.38 -48.06 21.64
CA ARG D 350 5.29 -48.20 22.59
C ARG D 350 3.99 -47.75 21.97
N LYS D 351 2.90 -47.89 22.71
CA LYS D 351 1.61 -47.40 22.27
C LYS D 351 1.26 -46.11 22.99
N PHE D 352 0.51 -45.25 22.30
CA PHE D 352 -0.07 -44.06 22.92
C PHE D 352 -1.59 -44.11 22.72
N LEU D 353 -2.32 -44.07 23.82
CA LEU D 353 -3.76 -44.13 23.80
C LEU D 353 -4.29 -42.72 24.04
N PHE D 354 -5.14 -42.24 23.11
CA PHE D 354 -5.80 -40.91 23.25
C PHE D 354 -7.33 -41.00 23.17
N ALA D 355 -8.01 -40.33 24.10
CA ALA D 355 -9.49 -40.25 24.14
C ALA D 355 -10.03 -38.94 23.55
N CYS D 356 -10.90 -39.03 22.55
CA CYS D 356 -11.63 -37.86 22.05
C CYS D 356 -13.11 -37.77 22.55
N GLU D 357 -13.59 -36.54 22.65
CA GLU D 357 -14.94 -36.24 23.15
C GLU D 357 -16.07 -36.83 22.25
N THR D 358 -15.88 -36.77 20.91
CA THR D 358 -16.93 -37.06 19.92
C THR D 358 -16.42 -37.84 18.72
N GLU D 359 -17.30 -38.62 18.08
CA GLU D 359 -16.96 -39.29 16.80
C GLU D 359 -16.35 -38.32 15.78
N SER D 360 -16.89 -37.11 15.75
CA SER D 360 -16.44 -36.09 14.81
C SER D 360 -14.94 -35.81 14.94
N ASP D 361 -14.49 -35.51 16.15
CA ASP D 361 -13.06 -35.27 16.41
C ASP D 361 -12.27 -36.51 16.03
N GLN D 362 -12.64 -37.65 16.63
CA GLN D 362 -11.97 -38.90 16.37
C GLN D 362 -11.61 -39.01 14.90
N ARG D 363 -12.63 -38.99 14.04
CA ARG D 363 -12.41 -39.15 12.59
C ARG D 363 -11.37 -38.16 12.11
N GLU D 364 -11.49 -36.92 12.58
CA GLU D 364 -10.58 -35.87 12.15
C GLU D 364 -9.16 -36.17 12.59
N TRP D 365 -8.99 -36.44 13.88
CA TRP D 365 -7.66 -36.78 14.41
C TRP D 365 -7.11 -37.99 13.69
N VAL D 366 -7.87 -39.08 13.68
CA VAL D 366 -7.44 -40.29 12.99
C VAL D 366 -6.99 -39.97 11.57
N ALA D 367 -7.74 -39.15 10.87
CA ALA D 367 -7.35 -38.72 9.50
C ALA D 367 -6.02 -37.98 9.52
N ALA D 368 -5.84 -37.12 10.52
CA ALA D 368 -4.63 -36.30 10.65
C ALA D 368 -3.41 -37.18 10.77
N PHE D 369 -3.44 -38.01 11.81
CA PHE D 369 -2.39 -38.98 12.09
C PHE D 369 -2.13 -39.81 10.86
N GLN D 370 -3.20 -40.36 10.31
CA GLN D 370 -3.08 -41.17 9.13
C GLN D 370 -2.30 -40.44 8.01
N LYS D 371 -2.49 -39.13 7.86
CA LYS D 371 -1.78 -38.43 6.78
C LYS D 371 -0.26 -38.58 6.93
N ALA D 372 0.23 -38.44 8.16
CA ALA D 372 1.64 -38.64 8.48
C ALA D 372 2.12 -40.07 8.20
N VAL D 373 1.36 -41.06 8.66
CA VAL D 373 1.77 -42.46 8.49
C VAL D 373 1.77 -42.88 7.03
N ASP D 374 0.89 -42.31 6.21
CA ASP D 374 0.81 -42.73 4.80
C ASP D 374 1.84 -42.04 3.92
N ARG D 375 2.60 -41.10 4.49
CA ARG D 375 3.67 -40.44 3.75
C ARG D 375 5.07 -41.01 4.04
N PRO D 376 5.69 -41.70 3.07
CA PRO D 376 7.08 -42.10 3.17
C PRO D 376 7.99 -41.00 3.70
N MET D 377 8.96 -41.39 4.51
CA MET D 377 9.93 -40.44 5.01
C MET D 377 11.10 -40.39 4.05
N LEU D 378 11.46 -39.18 3.67
CA LEU D 378 12.64 -38.97 2.86
C LEU D 378 13.84 -39.36 3.72
N PRO D 379 14.72 -40.26 3.22
CA PRO D 379 15.87 -40.70 4.04
C PRO D 379 16.58 -39.58 4.83
N GLN D 380 16.73 -38.40 4.21
CA GLN D 380 17.26 -37.23 4.92
C GLN D 380 16.47 -36.88 6.22
N GLU D 381 15.22 -37.32 6.29
CA GLU D 381 14.26 -36.91 7.32
C GLU D 381 14.34 -37.73 8.60
N TYR D 382 14.98 -38.89 8.54
CA TYR D 382 15.22 -39.69 9.76
C TYR D 382 16.18 -38.99 10.72
N ALA D 383 17.05 -38.14 10.18
CA ALA D 383 18.09 -37.45 10.96
C ALA D 383 17.56 -36.50 12.07
N VAL D 384 16.27 -36.57 12.39
CA VAL D 384 15.70 -35.81 13.51
C VAL D 384 15.00 -36.77 14.49
#